data_8AKH
#
_entry.id   8AKH
#
_cell.length_a   48.678
_cell.length_b   96.066
_cell.length_c   150.828
_cell.angle_alpha   90.000
_cell.angle_beta   90.000
_cell.angle_gamma   90.000
#
_symmetry.space_group_name_H-M   'P 21 21 21'
#
loop_
_entity.id
_entity.type
_entity.pdbx_description
1 polymer 'Beta-lactamase family protein'
2 non-polymer 'L(+)-TARTARIC ACID'
3 non-polymer GLYCEROL
4 non-polymer SN-GLYCEROL-3-PHOSPHATE
5 water water
#
_entity_poly.entity_id   1
_entity_poly.type   'polypeptide(L)'
_entity_poly.pdbx_seq_one_letter_code
;MATERQAAIAKKRQTDKALNKKAALKNSQLSRKINQTTFSNNKNTDEQVTKALNLSHFVGSALVVKNDHVIYNRAFGYAN
KAKNQRNKVNSKYQILSIQKSMTAVGIMQLVQAGKVKLTDPISKYYPTLKHGRQTTLRQMLDMTTGFRLKSGSKEFLPEN
QVIDFAAHNVFYYPDKNGIYNYSSVNFLLLAGIIRKVTGQSYQHFFTTHFIDKLNLNETGFLIHGQGQDATTGYRALADQ
TLPNYDQTMPESKSQMANELGTGQVYMSTADLFTVESAILKGQLLSKKNVAILHTRTATGEYGGGVYNMSNGIRSHGLGY
GYESSIFLSPDGKTGVVLMSNYYRKAAGIQATANKIFTELMKGDIKLEHHHHHH
;
_entity_poly.pdbx_strand_id   A,B
#
# COMPACT_ATOMS: atom_id res chain seq x y z
N ASN A 44 -21.23 -18.38 10.20
CA ASN A 44 -20.29 -19.40 9.72
C ASN A 44 -19.56 -18.98 8.46
N THR A 45 -18.26 -19.30 8.43
CA THR A 45 -17.45 -18.91 7.28
C THR A 45 -17.85 -19.69 6.03
N ASP A 46 -18.06 -21.00 6.16
CA ASP A 46 -18.49 -21.78 5.00
C ASP A 46 -19.71 -21.14 4.34
N GLU A 47 -20.71 -20.79 5.13
CA GLU A 47 -21.96 -20.29 4.57
C GLU A 47 -21.73 -18.97 3.83
N GLN A 48 -21.00 -18.06 4.47
CA GLN A 48 -20.74 -16.75 3.90
C GLN A 48 -19.92 -16.84 2.61
N VAL A 49 -18.88 -17.69 2.60
CA VAL A 49 -18.01 -17.76 1.42
C VAL A 49 -18.74 -18.44 0.28
N THR A 50 -19.48 -19.53 0.55
CA THR A 50 -20.24 -20.16 -0.51
C THR A 50 -21.23 -19.19 -1.14
N LYS A 51 -21.95 -18.44 -0.30
CA LYS A 51 -22.92 -17.49 -0.83
C LYS A 51 -22.24 -16.46 -1.73
N ALA A 52 -21.09 -15.92 -1.29
CA ALA A 52 -20.39 -14.92 -2.09
C ALA A 52 -19.88 -15.51 -3.40
N LEU A 53 -19.37 -16.74 -3.37
CA LEU A 53 -18.88 -17.38 -4.59
C LEU A 53 -20.02 -17.69 -5.55
N ASN A 54 -21.16 -18.19 -5.04
CA ASN A 54 -22.28 -18.47 -5.93
C ASN A 54 -22.87 -17.19 -6.52
N LEU A 55 -23.00 -16.13 -5.70
CA LEU A 55 -23.58 -14.90 -6.22
C LEU A 55 -22.68 -14.23 -7.25
N SER A 56 -21.36 -14.45 -7.15
CA SER A 56 -20.40 -13.94 -8.13
C SER A 56 -20.14 -14.91 -9.26
N HIS A 57 -20.87 -16.02 -9.32
CA HIS A 57 -20.78 -16.99 -10.41
C HIS A 57 -19.35 -17.53 -10.58
N PHE A 58 -18.71 -17.78 -9.46
CA PHE A 58 -17.36 -18.30 -9.48
C PHE A 58 -17.31 -19.68 -10.13
N VAL A 59 -16.27 -19.88 -10.95
CA VAL A 59 -15.93 -21.16 -11.55
C VAL A 59 -14.45 -21.39 -11.23
N GLY A 60 -14.17 -22.49 -10.55
CA GLY A 60 -12.80 -22.78 -10.17
C GLY A 60 -12.74 -23.39 -8.79
N SER A 61 -11.61 -23.19 -8.10
CA SER A 61 -11.38 -23.77 -6.78
C SER A 61 -10.98 -22.67 -5.81
N ALA A 62 -11.50 -22.76 -4.59
CA ALA A 62 -11.32 -21.75 -3.57
C ALA A 62 -10.77 -22.39 -2.31
N LEU A 63 -9.77 -21.75 -1.71
CA LEU A 63 -9.14 -22.23 -0.48
C LEU A 63 -8.96 -21.07 0.47
N VAL A 64 -9.41 -21.24 1.73
CA VAL A 64 -9.25 -20.24 2.77
C VAL A 64 -8.58 -20.90 3.98
N VAL A 65 -7.53 -20.27 4.49
CA VAL A 65 -6.73 -20.80 5.59
C VAL A 65 -6.67 -19.73 6.67
N LYS A 66 -6.89 -20.14 7.92
CA LYS A 66 -6.81 -19.23 9.05
C LYS A 66 -5.95 -19.87 10.12
N ASN A 67 -4.87 -19.19 10.51
CA ASN A 67 -3.93 -19.71 11.51
C ASN A 67 -3.55 -21.16 11.21
N ASP A 68 -3.14 -21.40 9.96
CA ASP A 68 -2.61 -22.68 9.49
C ASP A 68 -3.65 -23.77 9.38
N HIS A 69 -4.93 -23.45 9.46
CA HIS A 69 -5.99 -24.43 9.36
C HIS A 69 -6.89 -24.10 8.16
N VAL A 70 -7.16 -25.10 7.33
CA VAL A 70 -8.07 -24.93 6.19
C VAL A 70 -9.47 -24.78 6.75
N ILE A 71 -10.10 -23.63 6.50
CA ILE A 71 -11.48 -23.38 6.89
C ILE A 71 -12.44 -23.36 5.71
N TYR A 72 -11.93 -23.40 4.48
CA TYR A 72 -12.78 -23.46 3.30
C TYR A 72 -11.99 -24.11 2.18
N ASN A 73 -12.62 -25.06 1.50
CA ASN A 73 -11.95 -25.80 0.43
C ASN A 73 -13.04 -26.39 -0.46
N ARG A 74 -13.37 -25.72 -1.56
CA ARG A 74 -14.53 -26.10 -2.35
C ARG A 74 -14.28 -25.69 -3.79
N ALA A 75 -14.85 -26.46 -4.70
CA ALA A 75 -14.75 -26.22 -6.13
C ALA A 75 -16.14 -26.05 -6.75
N PHE A 76 -16.14 -25.31 -7.86
CA PHE A 76 -17.35 -24.79 -8.50
C PHE A 76 -17.23 -24.94 -10.01
N GLY A 77 -18.30 -25.36 -10.67
CA GLY A 77 -18.30 -25.38 -12.12
C GLY A 77 -17.50 -26.53 -12.70
N TYR A 78 -17.16 -26.38 -13.98
CA TYR A 78 -16.58 -27.42 -14.80
C TYR A 78 -15.13 -27.12 -15.18
N ALA A 79 -14.27 -28.13 -14.93
CA ALA A 79 -12.93 -28.18 -15.48
C ALA A 79 -12.97 -28.35 -17.00
N ASN A 80 -13.86 -29.22 -17.48
CA ASN A 80 -14.08 -29.38 -18.91
C ASN A 80 -15.53 -29.78 -19.09
N LYS A 81 -16.31 -28.87 -19.62
CA LYS A 81 -17.75 -29.08 -19.75
C LYS A 81 -18.05 -30.15 -20.78
N ALA A 82 -17.36 -30.14 -21.92
CA ALA A 82 -17.65 -31.14 -22.95
C ALA A 82 -17.44 -32.56 -22.44
N LYS A 83 -16.46 -32.77 -21.58
CA LYS A 83 -16.20 -34.09 -20.98
C LYS A 83 -16.98 -34.30 -19.68
N ASN A 84 -17.82 -33.35 -19.30
CA ASN A 84 -18.62 -33.45 -18.07
C ASN A 84 -17.72 -33.67 -16.85
N GLN A 85 -16.57 -33.00 -16.83
CA GLN A 85 -15.64 -33.11 -15.73
C GLN A 85 -15.76 -31.86 -14.86
N ARG A 86 -16.23 -32.04 -13.63
CA ARG A 86 -16.36 -30.95 -12.68
C ARG A 86 -14.99 -30.53 -12.13
N ASN A 87 -14.85 -29.24 -11.84
CA ASN A 87 -13.71 -28.79 -11.05
C ASN A 87 -13.73 -29.46 -9.69
N LYS A 88 -12.54 -29.77 -9.18
CA LYS A 88 -12.36 -30.39 -7.87
C LYS A 88 -11.40 -29.56 -7.05
N VAL A 89 -11.38 -29.86 -5.75
CA VAL A 89 -10.48 -29.07 -4.89
C VAL A 89 -9.03 -29.25 -5.30
N ASN A 90 -8.67 -30.37 -5.90
CA ASN A 90 -7.30 -30.65 -6.30
CA ASN A 90 -7.30 -30.64 -6.30
C ASN A 90 -7.08 -30.47 -7.81
N SER A 91 -8.02 -29.84 -8.51
CA SER A 91 -7.81 -29.53 -9.91
C SER A 91 -6.64 -28.57 -10.06
N LYS A 92 -6.05 -28.59 -11.25
CA LYS A 92 -4.88 -27.80 -11.58
C LYS A 92 -5.28 -26.59 -12.41
N TYR A 93 -4.74 -25.42 -12.05
CA TYR A 93 -5.03 -24.16 -12.69
C TYR A 93 -3.73 -23.43 -12.99
N GLN A 94 -3.80 -22.50 -13.92
CA GLN A 94 -2.62 -21.70 -14.24
C GLN A 94 -2.37 -20.68 -13.13
N ILE A 95 -1.14 -20.64 -12.62
CA ILE A 95 -0.79 -19.62 -11.64
C ILE A 95 -0.43 -18.27 -12.29
N LEU A 96 -0.10 -18.29 -13.57
CA LEU A 96 0.07 -17.05 -14.33
C LEU A 96 1.16 -16.22 -13.63
N SER A 97 0.96 -14.91 -13.51
CA SER A 97 1.98 -14.01 -12.97
C SER A 97 2.35 -14.31 -11.53
N ILE A 98 1.57 -15.09 -10.81
CA ILE A 98 1.98 -15.45 -9.46
C ILE A 98 3.29 -16.21 -9.51
N GLN A 99 3.66 -16.81 -10.65
CA GLN A 99 4.95 -17.48 -10.74
C GLN A 99 6.10 -16.49 -10.50
N LYS A 100 5.91 -15.21 -10.80
CA LYS A 100 7.01 -14.26 -10.64
C LYS A 100 7.49 -14.21 -9.19
N SER A 101 6.58 -14.39 -8.23
CA SER A 101 7.02 -14.42 -6.84
C SER A 101 8.01 -15.53 -6.58
N MET A 102 7.91 -16.64 -7.32
CA MET A 102 8.80 -17.78 -7.18
C MET A 102 10.12 -17.55 -7.88
N THR A 103 10.06 -16.97 -9.06
CA THR A 103 11.31 -16.56 -9.73
C THR A 103 12.09 -15.59 -8.85
N ALA A 104 11.38 -14.66 -8.21
CA ALA A 104 12.03 -13.73 -7.28
C ALA A 104 12.71 -14.44 -6.13
N VAL A 105 12.05 -15.44 -5.52
CA VAL A 105 12.70 -16.19 -4.46
C VAL A 105 13.94 -16.89 -4.97
N GLY A 106 13.88 -17.43 -6.17
CA GLY A 106 15.05 -18.11 -6.73
C GLY A 106 16.23 -17.18 -6.84
N ILE A 107 16.01 -15.95 -7.29
CA ILE A 107 17.09 -14.96 -7.30
C ILE A 107 17.60 -14.68 -5.89
N MET A 108 16.69 -14.52 -4.91
CA MET A 108 17.13 -14.23 -3.55
C MET A 108 17.84 -15.44 -2.92
N GLN A 109 17.48 -16.67 -3.30
CA GLN A 109 18.27 -17.83 -2.86
C GLN A 109 19.70 -17.74 -3.35
N LEU A 110 19.90 -17.27 -4.57
CA LEU A 110 21.26 -17.10 -5.07
C LEU A 110 21.97 -15.98 -4.33
N VAL A 111 21.26 -14.93 -3.94
CA VAL A 111 21.87 -13.90 -3.08
C VAL A 111 22.32 -14.51 -1.77
N GLN A 112 21.44 -15.27 -1.11
CA GLN A 112 21.79 -15.90 0.16
C GLN A 112 22.99 -16.80 0.01
N ALA A 113 23.13 -17.45 -1.14
CA ALA A 113 24.24 -18.37 -1.35
C ALA A 113 25.50 -17.66 -1.82
N GLY A 114 25.49 -16.34 -1.96
CA GLY A 114 26.67 -15.60 -2.36
C GLY A 114 26.98 -15.64 -3.83
N LYS A 115 26.00 -15.95 -4.66
CA LYS A 115 26.25 -16.15 -6.08
C LYS A 115 25.83 -14.98 -6.94
N VAL A 116 24.90 -14.14 -6.47
CA VAL A 116 24.58 -12.84 -7.07
C VAL A 116 24.34 -11.83 -5.96
N LYS A 117 24.28 -10.55 -6.35
CA LYS A 117 23.92 -9.46 -5.45
C LYS A 117 22.79 -8.64 -6.07
N LEU A 118 21.91 -8.10 -5.24
CA LEU A 118 20.82 -7.30 -5.78
C LEU A 118 21.29 -6.00 -6.41
N THR A 119 22.48 -5.52 -6.04
CA THR A 119 23.05 -4.36 -6.71
C THR A 119 23.69 -4.69 -8.05
N ASP A 120 23.74 -5.95 -8.47
CA ASP A 120 24.40 -6.27 -9.73
C ASP A 120 23.67 -5.59 -10.89
N PRO A 121 24.41 -5.07 -11.87
CA PRO A 121 23.76 -4.53 -13.06
C PRO A 121 23.43 -5.65 -14.03
N ILE A 122 22.35 -5.46 -14.77
CA ILE A 122 21.88 -6.45 -15.74
C ILE A 122 22.97 -6.77 -16.77
N SER A 123 23.83 -5.80 -17.08
CA SER A 123 24.88 -6.05 -18.07
C SER A 123 25.94 -7.04 -17.60
N LYS A 124 26.02 -7.33 -16.31
CA LYS A 124 26.90 -8.38 -15.82
C LYS A 124 26.48 -9.73 -16.41
N TYR A 125 25.18 -9.93 -16.58
CA TYR A 125 24.63 -11.20 -17.07
C TYR A 125 24.22 -11.14 -18.53
N TYR A 126 23.94 -9.96 -19.06
CA TYR A 126 23.55 -9.77 -20.46
C TYR A 126 24.48 -8.74 -21.07
N PRO A 127 25.72 -9.13 -21.38
CA PRO A 127 26.71 -8.12 -21.81
C PRO A 127 26.43 -7.49 -23.16
N THR A 128 25.54 -8.06 -23.97
CA THR A 128 25.24 -7.49 -25.28
C THR A 128 24.22 -6.36 -25.23
N LEU A 129 23.59 -6.09 -24.09
CA LEU A 129 22.61 -5.03 -24.04
C LEU A 129 23.27 -3.70 -24.37
N LYS A 130 22.59 -2.90 -25.19
CA LYS A 130 23.09 -1.59 -25.56
C LYS A 130 22.60 -0.47 -24.65
N HIS A 131 21.42 -0.60 -24.05
CA HIS A 131 20.85 0.44 -23.21
C HIS A 131 20.28 -0.16 -21.94
N GLY A 132 20.12 0.70 -20.93
CA GLY A 132 19.69 0.26 -19.62
C GLY A 132 20.65 -0.68 -18.94
N ARG A 133 21.93 -0.64 -19.30
CA ARG A 133 22.91 -1.60 -18.80
C ARG A 133 23.10 -1.52 -17.29
N GLN A 134 22.75 -0.40 -16.68
CA GLN A 134 22.96 -0.15 -15.27
C GLN A 134 21.80 -0.64 -14.41
N THR A 135 20.71 -1.04 -15.02
CA THR A 135 19.54 -1.52 -14.29
C THR A 135 19.95 -2.65 -13.36
N THR A 136 19.53 -2.57 -12.09
CA THR A 136 19.98 -3.57 -11.12
C THR A 136 18.98 -4.73 -11.05
N LEU A 137 19.46 -5.85 -10.50
CA LEU A 137 18.56 -6.97 -10.22
C LEU A 137 17.43 -6.54 -9.30
N ARG A 138 17.74 -5.66 -8.34
CA ARG A 138 16.72 -5.11 -7.44
C ARG A 138 15.57 -4.51 -8.24
N GLN A 139 15.88 -3.68 -9.23
CA GLN A 139 14.85 -3.01 -10.01
C GLN A 139 14.04 -4.02 -10.82
N MET A 140 14.72 -5.02 -11.40
CA MET A 140 14.00 -6.04 -12.16
CA MET A 140 14.03 -6.07 -12.15
C MET A 140 12.99 -6.77 -11.27
N LEU A 141 13.37 -7.06 -10.02
CA LEU A 141 12.48 -7.72 -9.06
C LEU A 141 11.30 -6.85 -8.65
N ASP A 142 11.43 -5.54 -8.80
CA ASP A 142 10.45 -4.58 -8.31
C ASP A 142 9.62 -3.96 -9.43
N MET A 143 9.83 -4.40 -10.67
CA MET A 143 9.15 -3.78 -11.80
C MET A 143 9.44 -2.28 -11.85
N THR A 144 10.69 -1.91 -11.61
CA THR A 144 11.07 -0.50 -11.72
C THR A 144 12.10 -0.29 -12.81
N THR A 145 11.99 -1.02 -13.92
CA THR A 145 12.93 -0.93 -15.02
C THR A 145 12.25 -0.34 -16.24
N GLY A 146 13.07 0.13 -17.18
CA GLY A 146 12.56 0.52 -18.47
C GLY A 146 12.55 -0.55 -19.55
N PHE A 147 12.73 -1.81 -19.21
CA PHE A 147 12.76 -2.85 -20.23
C PHE A 147 11.37 -3.34 -20.57
N ARG A 148 11.15 -3.60 -21.86
CA ARG A 148 9.88 -4.15 -22.31
C ARG A 148 10.06 -4.99 -23.56
N LEU A 149 9.32 -6.11 -23.61
CA LEU A 149 9.24 -6.99 -24.76
C LEU A 149 7.78 -7.44 -24.85
N LYS A 150 7.04 -6.98 -25.86
CA LYS A 150 5.62 -7.32 -25.93
C LYS A 150 5.37 -8.72 -26.50
N SER A 151 6.32 -9.28 -27.25
CA SER A 151 6.14 -10.62 -27.80
C SER A 151 7.46 -11.38 -27.94
N GLY A 152 7.41 -12.66 -27.63
CA GLY A 152 8.51 -13.56 -27.91
C GLY A 152 8.42 -14.11 -29.32
N SER A 153 9.27 -15.08 -29.59
CA SER A 153 9.29 -15.70 -30.90
C SER A 153 7.99 -16.44 -31.18
N LYS A 154 7.62 -16.47 -32.48
CA LYS A 154 6.48 -17.28 -32.92
C LYS A 154 6.84 -18.76 -33.01
N GLU A 155 8.12 -19.10 -32.99
CA GLU A 155 8.53 -20.50 -32.94
C GLU A 155 8.43 -21.03 -31.51
N PHE A 156 8.44 -22.35 -31.40
CA PHE A 156 8.52 -23.07 -30.11
C PHE A 156 9.99 -23.36 -29.87
N LEU A 157 10.60 -22.61 -28.95
CA LEU A 157 12.03 -22.61 -28.72
C LEU A 157 12.41 -23.19 -27.36
N PRO A 158 13.60 -23.78 -27.26
CA PRO A 158 14.11 -24.20 -25.94
C PRO A 158 14.45 -22.99 -25.09
N GLU A 159 14.58 -23.20 -23.78
CA GLU A 159 14.77 -22.08 -22.86
C GLU A 159 15.93 -21.18 -23.26
N ASN A 160 17.07 -21.76 -23.65
CA ASN A 160 18.24 -20.93 -23.95
C ASN A 160 17.94 -19.97 -25.07
N GLN A 161 17.13 -20.42 -26.04
CA GLN A 161 16.83 -19.61 -27.21
C GLN A 161 15.72 -18.61 -26.92
N VAL A 162 14.83 -18.94 -25.98
CA VAL A 162 13.87 -17.95 -25.50
C VAL A 162 14.61 -16.81 -24.81
N ILE A 163 15.62 -17.13 -24.02
CA ILE A 163 16.40 -16.10 -23.35
C ILE A 163 17.14 -15.26 -24.38
N ASP A 164 17.76 -15.94 -25.36
CA ASP A 164 18.51 -15.23 -26.39
C ASP A 164 17.60 -14.29 -27.18
N PHE A 165 16.40 -14.74 -27.50
CA PHE A 165 15.47 -13.90 -28.25
C PHE A 165 15.11 -12.66 -27.47
N ALA A 166 14.84 -12.83 -26.16
CA ALA A 166 14.47 -11.68 -25.35
C ALA A 166 15.63 -10.70 -25.22
N ALA A 167 16.84 -11.21 -24.99
CA ALA A 167 17.97 -10.30 -24.85
C ALA A 167 18.24 -9.55 -26.15
N HIS A 168 18.01 -10.22 -27.28
CA HIS A 168 18.28 -9.59 -28.58
C HIS A 168 17.23 -8.56 -28.94
N ASN A 169 15.99 -8.71 -28.46
CA ASN A 169 14.88 -7.93 -28.95
C ASN A 169 14.24 -6.99 -27.94
N VAL A 170 14.64 -7.06 -26.68
CA VAL A 170 14.02 -6.19 -25.68
C VAL A 170 14.34 -4.73 -25.97
N PHE A 171 13.42 -3.85 -25.60
CA PHE A 171 13.52 -2.41 -25.81
C PHE A 171 13.64 -1.74 -24.45
N TYR A 172 14.30 -0.58 -24.41
CA TYR A 172 14.55 0.15 -23.16
C TYR A 172 13.98 1.55 -23.27
N TYR A 173 13.11 1.89 -22.34
CA TYR A 173 12.52 3.22 -22.20
C TYR A 173 13.15 3.94 -21.02
N PRO A 174 14.06 4.88 -21.25
CA PRO A 174 14.66 5.60 -20.11
C PRO A 174 13.65 6.24 -19.19
N ASP A 175 12.50 6.67 -19.72
CA ASP A 175 11.56 7.40 -18.89
C ASP A 175 10.83 6.51 -17.90
N LYS A 176 10.95 5.20 -18.06
CA LYS A 176 10.36 4.24 -17.14
C LYS A 176 11.33 3.76 -16.09
N ASN A 177 12.62 4.08 -16.22
CA ASN A 177 13.61 3.64 -15.24
C ASN A 177 13.30 4.23 -13.88
N GLY A 178 13.27 3.36 -12.87
CA GLY A 178 13.11 3.78 -11.50
C GLY A 178 11.70 4.01 -11.03
N ILE A 179 10.69 3.77 -11.86
CA ILE A 179 9.31 3.98 -11.47
C ILE A 179 8.57 2.65 -11.68
N TYR A 180 7.65 2.33 -10.78
CA TYR A 180 6.87 1.11 -10.94
C TYR A 180 6.13 1.14 -12.29
N ASN A 181 6.35 0.10 -13.11
CA ASN A 181 5.59 -0.16 -14.33
C ASN A 181 5.70 -1.65 -14.60
N TYR A 182 4.56 -2.32 -14.72
CA TYR A 182 4.54 -3.77 -14.83
C TYR A 182 5.10 -4.20 -16.18
N SER A 183 6.12 -5.05 -16.17
CA SER A 183 6.73 -5.51 -17.41
C SER A 183 7.28 -6.92 -17.21
N SER A 184 6.63 -7.88 -17.86
CA SER A 184 6.95 -9.29 -17.61
C SER A 184 8.37 -9.64 -18.01
N VAL A 185 8.98 -8.95 -19.00
CA VAL A 185 10.30 -9.34 -19.45
C VAL A 185 11.32 -9.28 -18.32
N ASN A 186 11.11 -8.42 -17.31
CA ASN A 186 12.04 -8.39 -16.18
C ASN A 186 12.21 -9.79 -15.56
N PHE A 187 11.10 -10.55 -15.44
CA PHE A 187 11.17 -11.84 -14.77
C PHE A 187 11.60 -12.97 -15.70
N LEU A 188 11.40 -12.81 -17.01
CA LEU A 188 12.02 -13.71 -17.97
C LEU A 188 13.54 -13.56 -17.92
N LEU A 189 14.03 -12.32 -17.89
CA LEU A 189 15.46 -12.09 -17.81
C LEU A 189 16.04 -12.56 -16.48
N LEU A 190 15.27 -12.46 -15.39
CA LEU A 190 15.72 -13.01 -14.12
C LEU A 190 15.79 -14.52 -14.16
N ALA A 191 14.84 -15.18 -14.86
CA ALA A 191 14.95 -16.63 -15.03
C ALA A 191 16.20 -17.00 -15.81
N GLY A 192 16.57 -16.17 -16.78
CA GLY A 192 17.82 -16.39 -17.51
C GLY A 192 19.06 -16.24 -16.63
N ILE A 193 19.01 -15.32 -15.66
CA ILE A 193 20.11 -15.19 -14.72
C ILE A 193 20.23 -16.44 -13.86
N ILE A 194 19.09 -16.97 -13.37
CA ILE A 194 19.13 -18.26 -12.66
C ILE A 194 19.85 -19.31 -13.49
N ARG A 195 19.47 -19.44 -14.76
CA ARG A 195 20.09 -20.43 -15.65
C ARG A 195 21.60 -20.20 -15.78
N LYS A 196 22.00 -18.95 -16.00
CA LYS A 196 23.41 -18.64 -16.21
C LYS A 196 24.27 -18.91 -14.99
N VAL A 197 23.78 -18.52 -13.81
CA VAL A 197 24.56 -18.66 -12.60
C VAL A 197 24.65 -20.10 -12.15
N THR A 198 23.58 -20.89 -12.31
CA THR A 198 23.54 -22.23 -11.73
C THR A 198 23.93 -23.32 -12.71
N GLY A 199 23.93 -23.02 -14.01
CA GLY A 199 24.15 -24.08 -14.98
C GLY A 199 23.03 -25.10 -15.06
N GLN A 200 21.83 -24.75 -14.59
CA GLN A 200 20.66 -25.60 -14.67
C GLN A 200 19.60 -24.91 -15.51
N SER A 201 18.73 -25.67 -16.14
CA SER A 201 17.56 -25.00 -16.73
C SER A 201 16.71 -24.39 -15.61
N TYR A 202 15.95 -23.37 -15.99
CA TYR A 202 14.97 -22.84 -15.05
C TYR A 202 13.98 -23.92 -14.63
N GLN A 203 13.51 -24.73 -15.58
CA GLN A 203 12.60 -25.82 -15.21
C GLN A 203 13.21 -26.73 -14.16
N HIS A 204 14.49 -27.10 -14.33
CA HIS A 204 15.15 -27.96 -13.35
C HIS A 204 15.24 -27.27 -11.98
N PHE A 205 15.74 -26.02 -11.98
CA PHE A 205 15.84 -25.24 -10.75
C PHE A 205 14.49 -25.12 -10.04
N PHE A 206 13.44 -24.78 -10.79
CA PHE A 206 12.09 -24.68 -10.21
C PHE A 206 11.65 -26.02 -9.60
N THR A 207 11.90 -27.12 -10.31
CA THR A 207 11.52 -28.42 -9.81
C THR A 207 12.25 -28.76 -8.52
N THR A 208 13.58 -28.56 -8.46
CA THR A 208 14.26 -28.98 -7.25
C THR A 208 14.00 -28.01 -6.10
N HIS A 209 13.82 -26.72 -6.40
CA HIS A 209 13.71 -25.72 -5.35
C HIS A 209 12.30 -25.57 -4.81
N PHE A 210 11.27 -25.89 -5.60
CA PHE A 210 9.88 -25.75 -5.20
C PHE A 210 9.14 -27.08 -5.19
N ILE A 211 9.09 -27.77 -6.33
CA ILE A 211 8.26 -28.99 -6.44
C ILE A 211 8.78 -30.09 -5.52
N ASP A 212 10.06 -30.44 -5.67
CA ASP A 212 10.63 -31.52 -4.86
C ASP A 212 10.76 -31.09 -3.41
N LYS A 213 11.19 -29.86 -3.17
CA LYS A 213 11.46 -29.42 -1.81
C LYS A 213 10.22 -29.47 -0.96
N LEU A 214 9.08 -29.06 -1.53
CA LEU A 214 7.84 -28.92 -0.78
C LEU A 214 6.86 -30.05 -1.08
N ASN A 215 7.33 -31.09 -1.78
CA ASN A 215 6.49 -32.24 -2.11
C ASN A 215 5.16 -31.84 -2.74
N LEU A 216 5.25 -30.99 -3.77
CA LEU A 216 4.08 -30.56 -4.52
C LEU A 216 3.69 -31.66 -5.50
N ASN A 217 2.47 -32.16 -5.39
CA ASN A 217 2.02 -33.26 -6.25
C ASN A 217 1.04 -32.83 -7.32
N GLU A 218 0.65 -31.57 -7.35
CA GLU A 218 -0.26 -31.06 -8.36
C GLU A 218 0.34 -29.87 -9.10
N THR A 219 1.66 -29.87 -9.25
CA THR A 219 2.39 -28.75 -9.82
C THR A 219 3.31 -29.20 -10.94
N GLY A 220 3.36 -28.40 -11.99
CA GLY A 220 4.26 -28.69 -13.10
C GLY A 220 4.20 -27.61 -14.15
N PHE A 221 4.75 -27.93 -15.31
CA PHE A 221 4.80 -27.01 -16.44
C PHE A 221 3.74 -27.39 -17.48
N LEU A 222 2.98 -26.37 -17.91
CA LEU A 222 1.88 -26.58 -18.84
C LEU A 222 2.35 -27.26 -20.12
N ILE A 223 3.58 -26.97 -20.53
CA ILE A 223 4.12 -27.50 -21.79
C ILE A 223 4.19 -29.02 -21.78
N HIS A 224 4.19 -29.68 -20.62
CA HIS A 224 4.27 -31.13 -20.57
C HIS A 224 2.91 -31.77 -20.35
N GLY A 225 1.86 -30.95 -20.28
CA GLY A 225 0.53 -31.42 -19.96
C GLY A 225 0.26 -31.35 -18.48
N GLN A 226 -0.98 -31.06 -18.14
CA GLN A 226 -1.37 -31.06 -16.75
C GLN A 226 -1.57 -32.45 -16.19
N GLY A 227 -1.94 -33.42 -17.04
CA GLY A 227 -2.19 -34.73 -16.53
C GLY A 227 -3.57 -34.92 -15.89
N GLN A 228 -3.62 -35.65 -14.78
CA GLN A 228 -4.89 -35.92 -14.14
C GLN A 228 -5.43 -34.66 -13.46
N ASP A 229 -6.76 -34.52 -13.45
CA ASP A 229 -7.43 -33.40 -12.78
C ASP A 229 -7.05 -32.08 -13.44
N ALA A 230 -6.91 -32.10 -14.76
CA ALA A 230 -6.61 -30.94 -15.53
C ALA A 230 -7.84 -30.06 -15.70
N THR A 231 -7.60 -28.79 -16.03
CA THR A 231 -8.64 -27.86 -16.40
C THR A 231 -8.41 -27.32 -17.81
N THR A 232 -9.50 -26.82 -18.39
CA THR A 232 -9.51 -26.17 -19.70
C THR A 232 -9.87 -24.71 -19.46
N GLY A 233 -9.16 -23.78 -20.10
CA GLY A 233 -9.47 -22.39 -19.97
C GLY A 233 -10.56 -22.02 -20.96
N TYR A 234 -11.53 -21.24 -20.51
CA TYR A 234 -12.67 -20.83 -21.31
C TYR A 234 -12.58 -19.34 -21.63
N ARG A 235 -13.00 -18.98 -22.85
CA ARG A 235 -13.05 -17.61 -23.32
C ARG A 235 -14.40 -16.99 -22.98
N ALA A 236 -14.39 -15.82 -22.38
CA ALA A 236 -15.63 -15.13 -22.04
C ALA A 236 -15.73 -13.84 -22.86
N LEU A 237 -16.96 -13.40 -23.06
CA LEU A 237 -17.21 -12.09 -23.63
C LEU A 237 -16.97 -11.01 -22.59
N ALA A 238 -16.76 -9.79 -23.06
CA ALA A 238 -16.47 -8.69 -22.16
C ALA A 238 -17.54 -8.51 -21.08
N ASP A 239 -18.80 -8.70 -21.44
CA ASP A 239 -19.88 -8.42 -20.50
C ASP A 239 -20.47 -9.66 -19.87
N GLN A 240 -19.92 -10.83 -20.16
CA GLN A 240 -20.50 -12.08 -19.71
C GLN A 240 -20.26 -12.28 -18.21
N THR A 241 -21.33 -12.62 -17.50
CA THR A 241 -21.23 -13.04 -16.10
C THR A 241 -21.55 -14.50 -15.89
N LEU A 242 -22.46 -15.05 -16.68
CA LEU A 242 -22.86 -16.44 -16.46
C LEU A 242 -22.03 -17.36 -17.32
N PRO A 243 -21.49 -18.45 -16.76
CA PRO A 243 -20.70 -19.38 -17.58
C PRO A 243 -21.60 -20.17 -18.52
N ASN A 244 -21.17 -20.30 -19.77
CA ASN A 244 -21.84 -21.18 -20.73
C ASN A 244 -20.89 -22.15 -21.41
N TYR A 245 -19.59 -21.97 -21.25
CA TYR A 245 -18.60 -22.91 -21.75
C TYR A 245 -18.64 -23.02 -23.27
N ASP A 246 -19.05 -21.96 -23.96
CA ASP A 246 -19.27 -22.10 -25.39
C ASP A 246 -17.99 -21.99 -26.19
N GLN A 247 -16.90 -21.50 -25.62
CA GLN A 247 -15.65 -21.33 -26.35
CA GLN A 247 -15.65 -21.38 -26.36
C GLN A 247 -14.47 -21.56 -25.43
N THR A 248 -13.52 -22.36 -25.86
CA THR A 248 -12.29 -22.54 -25.10
C THR A 248 -11.24 -21.54 -25.58
N MET A 249 -10.23 -21.31 -24.72
CA MET A 249 -9.15 -20.37 -25.01
C MET A 249 -7.90 -21.14 -25.41
N PRO A 250 -7.35 -20.91 -26.60
CA PRO A 250 -6.17 -21.68 -27.00
C PRO A 250 -4.89 -21.10 -26.40
N GLU A 251 -3.90 -21.98 -26.27
CA GLU A 251 -2.53 -21.57 -25.93
C GLU A 251 -1.55 -22.51 -26.62
N SER A 252 -0.60 -21.95 -27.36
CA SER A 252 0.33 -22.74 -28.15
C SER A 252 1.57 -23.09 -27.33
N LYS A 253 2.35 -24.05 -27.85
CA LYS A 253 3.61 -24.39 -27.20
C LYS A 253 4.57 -23.19 -27.23
N SER A 254 4.57 -22.44 -28.32
CA SER A 254 5.35 -21.19 -28.35
C SER A 254 4.97 -20.26 -27.20
N GLN A 255 3.67 -20.03 -27.00
CA GLN A 255 3.24 -19.15 -25.92
C GLN A 255 3.68 -19.69 -24.56
N MET A 256 3.58 -21.00 -24.35
CA MET A 256 4.01 -21.58 -23.07
C MET A 256 5.52 -21.46 -22.87
N ALA A 257 6.32 -21.74 -23.91
CA ALA A 257 7.77 -21.58 -23.78
C ALA A 257 8.15 -20.12 -23.49
N ASN A 258 7.45 -19.19 -24.10
CA ASN A 258 7.77 -17.78 -23.94
C ASN A 258 7.43 -17.22 -22.56
N GLU A 259 6.66 -17.96 -21.76
CA GLU A 259 6.30 -17.61 -20.37
C GLU A 259 7.34 -18.11 -19.38
N LEU A 260 8.57 -18.34 -19.84
CA LEU A 260 9.68 -18.68 -18.97
C LEU A 260 9.82 -17.69 -17.83
N GLY A 261 9.74 -18.20 -16.60
CA GLY A 261 9.87 -17.40 -15.40
C GLY A 261 8.64 -16.61 -14.99
N THR A 262 7.60 -16.55 -15.83
CA THR A 262 6.56 -15.55 -15.73
C THR A 262 5.12 -16.07 -15.70
N GLY A 263 4.85 -17.28 -16.18
CA GLY A 263 3.49 -17.76 -16.20
C GLY A 263 3.36 -19.01 -17.03
N GLN A 264 4.15 -20.02 -16.69
CA GLN A 264 4.22 -21.28 -17.43
C GLN A 264 3.85 -22.49 -16.59
N VAL A 265 3.39 -22.29 -15.34
CA VAL A 265 3.22 -23.34 -14.33
C VAL A 265 1.75 -23.50 -13.99
N TYR A 266 1.35 -24.75 -13.73
CA TYR A 266 0.06 -25.07 -13.16
C TYR A 266 0.25 -25.54 -11.71
N MET A 267 -0.76 -25.23 -10.91
CA MET A 267 -0.82 -25.70 -9.53
C MET A 267 -2.27 -25.91 -9.12
N SER A 268 -2.47 -26.76 -8.11
CA SER A 268 -3.70 -26.74 -7.34
C SER A 268 -3.67 -25.57 -6.35
N THR A 269 -4.85 -25.24 -5.78
CA THR A 269 -4.91 -24.20 -4.78
C THR A 269 -4.01 -24.55 -3.58
N ALA A 270 -4.01 -25.82 -3.18
CA ALA A 270 -3.19 -26.23 -2.04
C ALA A 270 -1.71 -26.02 -2.31
N ASP A 271 -1.25 -26.38 -3.51
CA ASP A 271 0.17 -26.24 -3.81
C ASP A 271 0.57 -24.76 -3.86
N LEU A 272 -0.30 -23.90 -4.42
CA LEU A 272 0.03 -22.48 -4.45
C LEU A 272 0.11 -21.93 -3.04
N PHE A 273 -0.87 -22.26 -2.19
CA PHE A 273 -0.77 -21.81 -0.81
C PHE A 273 0.51 -22.31 -0.16
N THR A 274 0.83 -23.60 -0.34
CA THR A 274 2.02 -24.17 0.27
C THR A 274 3.27 -23.40 -0.11
N VAL A 275 3.41 -23.05 -1.38
CA VAL A 275 4.64 -22.37 -1.82
C VAL A 275 4.73 -21.01 -1.17
N GLU A 276 3.63 -20.24 -1.25
CA GLU A 276 3.69 -18.85 -0.80
C GLU A 276 3.85 -18.78 0.72
N SER A 277 3.19 -19.68 1.44
CA SER A 277 3.34 -19.75 2.89
C SER A 277 4.73 -20.22 3.28
N ALA A 278 5.28 -21.21 2.57
CA ALA A 278 6.63 -21.66 2.88
C ALA A 278 7.63 -20.52 2.75
N ILE A 279 7.49 -19.71 1.71
CA ILE A 279 8.36 -18.55 1.55
C ILE A 279 8.30 -17.67 2.79
N LEU A 280 7.08 -17.27 3.20
CA LEU A 280 6.96 -16.35 4.35
C LEU A 280 7.41 -16.98 5.66
N LYS A 281 7.32 -18.30 5.79
CA LYS A 281 7.73 -18.98 7.01
C LYS A 281 9.23 -19.22 7.11
N GLY A 282 10.00 -18.89 6.10
CA GLY A 282 11.45 -19.09 6.17
C GLY A 282 11.90 -20.48 5.77
N GLN A 283 11.08 -21.23 5.05
CA GLN A 283 11.44 -22.58 4.70
C GLN A 283 12.35 -22.67 3.50
N LEU A 284 12.42 -21.63 2.68
CA LEU A 284 13.20 -21.67 1.46
C LEU A 284 14.33 -20.65 1.41
N LEU A 285 14.41 -19.76 2.39
CA LEU A 285 15.13 -18.50 2.33
C LEU A 285 14.98 -17.91 3.72
N SER A 286 16.04 -17.33 4.29
CA SER A 286 15.90 -16.82 5.64
C SER A 286 14.83 -15.74 5.70
N LYS A 287 14.18 -15.61 6.87
CA LYS A 287 13.18 -14.57 7.04
C LYS A 287 13.78 -13.18 6.81
N LYS A 288 15.04 -12.97 7.20
CA LYS A 288 15.71 -11.70 6.91
C LYS A 288 15.74 -11.42 5.41
N ASN A 289 16.11 -12.43 4.63
CA ASN A 289 16.18 -12.28 3.17
C ASN A 289 14.80 -12.21 2.53
N VAL A 290 13.79 -12.87 3.09
CA VAL A 290 12.43 -12.68 2.59
C VAL A 290 12.00 -11.23 2.77
N ALA A 291 12.30 -10.66 3.94
CA ALA A 291 11.95 -9.28 4.21
C ALA A 291 12.68 -8.32 3.27
N ILE A 292 13.96 -8.57 3.03
CA ILE A 292 14.70 -7.75 2.07
CA ILE A 292 14.70 -7.75 2.07
C ILE A 292 14.06 -7.86 0.69
N LEU A 293 13.73 -9.07 0.27
CA LEU A 293 13.14 -9.26 -1.04
C LEU A 293 11.80 -8.56 -1.14
N HIS A 294 10.92 -8.83 -0.16
CA HIS A 294 9.56 -8.31 -0.13
C HIS A 294 9.51 -6.89 0.46
N THR A 295 10.23 -5.97 -0.18
CA THR A 295 10.28 -4.58 0.23
C THR A 295 9.70 -3.73 -0.91
N ARG A 296 8.70 -2.93 -0.58
CA ARG A 296 8.09 -2.07 -1.57
C ARG A 296 9.06 -0.95 -1.96
N THR A 297 8.65 -0.19 -2.97
CA THR A 297 9.44 0.93 -3.47
C THR A 297 8.68 2.23 -3.21
N ALA A 298 9.32 3.34 -3.58
CA ALA A 298 8.66 4.60 -3.33
C ALA A 298 7.41 4.73 -4.19
N THR A 299 7.45 4.19 -5.40
CA THR A 299 6.35 4.39 -6.33
C THR A 299 5.39 3.22 -6.43
N GLY A 300 5.62 2.11 -5.74
CA GLY A 300 4.69 1.00 -5.82
C GLY A 300 4.79 0.06 -4.64
N GLU A 301 3.65 -0.56 -4.32
CA GLU A 301 3.63 -1.67 -3.38
C GLU A 301 4.46 -2.85 -3.85
N TYR A 302 4.64 -3.00 -5.16
CA TYR A 302 5.34 -4.17 -5.65
C TYR A 302 6.80 -4.15 -5.25
N GLY A 303 7.28 -5.30 -4.80
CA GLY A 303 8.67 -5.45 -4.47
C GLY A 303 8.96 -6.91 -4.30
N GLY A 304 9.97 -7.36 -5.02
CA GLY A 304 10.38 -8.75 -4.88
C GLY A 304 9.32 -9.73 -5.35
N GLY A 305 8.57 -9.38 -6.39
CA GLY A 305 7.65 -10.29 -7.02
C GLY A 305 6.27 -10.41 -6.42
N VAL A 306 5.92 -9.58 -5.44
CA VAL A 306 4.58 -9.55 -4.86
C VAL A 306 4.24 -8.10 -4.59
N TYR A 307 2.96 -7.83 -4.39
CA TYR A 307 2.55 -6.53 -3.88
C TYR A 307 2.55 -6.59 -2.36
N ASN A 308 3.22 -5.62 -1.73
CA ASN A 308 3.41 -5.63 -0.28
C ASN A 308 2.46 -4.63 0.38
N MET A 309 1.64 -5.11 1.33
CA MET A 309 0.67 -4.28 2.03
CA MET A 309 0.69 -4.26 2.03
C MET A 309 0.94 -4.29 3.53
N SER A 310 0.22 -3.44 4.27
CA SER A 310 0.38 -3.41 5.72
C SER A 310 -0.06 -4.70 6.40
N ASN A 311 -0.91 -5.49 5.73
CA ASN A 311 -1.49 -6.68 6.34
C ASN A 311 -1.16 -7.95 5.58
N GLY A 312 -0.17 -7.91 4.71
CA GLY A 312 0.23 -9.11 4.01
C GLY A 312 0.71 -8.80 2.62
N ILE A 313 0.66 -9.83 1.78
CA ILE A 313 1.05 -9.74 0.38
C ILE A 313 -0.12 -10.13 -0.49
N ARG A 314 -0.06 -9.69 -1.75
CA ARG A 314 -1.03 -10.12 -2.76
CA ARG A 314 -1.01 -10.19 -2.74
C ARG A 314 -0.30 -10.37 -4.07
N SER A 315 -0.85 -11.30 -4.85
CA SER A 315 -0.39 -11.49 -6.22
C SER A 315 -1.60 -11.86 -7.07
N HIS A 316 -1.54 -11.55 -8.35
CA HIS A 316 -2.68 -11.72 -9.25
C HIS A 316 -2.18 -12.15 -10.62
N GLY A 317 -2.89 -13.07 -11.25
CA GLY A 317 -2.58 -13.48 -12.60
C GLY A 317 -3.82 -13.47 -13.48
N LEU A 318 -3.60 -13.15 -14.76
CA LEU A 318 -4.67 -13.18 -15.74
C LEU A 318 -4.09 -13.62 -17.07
N GLY A 319 -4.69 -14.64 -17.68
CA GLY A 319 -4.28 -15.01 -19.03
C GLY A 319 -4.78 -16.37 -19.46
N TYR A 320 -4.93 -16.55 -20.79
CA TYR A 320 -5.27 -17.83 -21.39
C TYR A 320 -6.61 -18.40 -20.86
N GLY A 321 -7.54 -17.52 -20.48
CA GLY A 321 -8.82 -17.91 -19.94
C GLY A 321 -8.85 -18.10 -18.43
N TYR A 322 -7.69 -17.93 -17.77
CA TYR A 322 -7.56 -18.17 -16.34
C TYR A 322 -7.43 -16.85 -15.60
N GLU A 323 -7.77 -16.92 -14.30
CA GLU A 323 -7.46 -15.88 -13.34
C GLU A 323 -6.99 -16.55 -12.05
N SER A 324 -5.97 -15.98 -11.43
CA SER A 324 -5.44 -16.50 -10.18
C SER A 324 -5.25 -15.36 -9.18
N SER A 325 -5.54 -15.63 -7.91
CA SER A 325 -5.48 -14.61 -6.87
C SER A 325 -5.02 -15.23 -5.56
N ILE A 326 -4.02 -14.63 -4.93
CA ILE A 326 -3.68 -14.98 -3.56
C ILE A 326 -3.53 -13.70 -2.72
N PHE A 327 -4.08 -13.75 -1.49
CA PHE A 327 -3.79 -12.81 -0.43
C PHE A 327 -3.30 -13.64 0.76
N LEU A 328 -2.20 -13.21 1.38
CA LEU A 328 -1.57 -13.96 2.47
C LEU A 328 -1.03 -13.02 3.55
N SER A 329 -1.27 -13.40 4.81
CA SER A 329 -0.81 -12.63 5.96
C SER A 329 0.71 -12.60 6.02
N PRO A 330 1.30 -11.66 6.76
CA PRO A 330 2.78 -11.58 6.78
C PRO A 330 3.45 -12.84 7.32
N ASP A 331 2.80 -13.59 8.21
CA ASP A 331 3.39 -14.78 8.78
C ASP A 331 3.09 -16.03 7.95
N GLY A 332 2.36 -15.89 6.85
CA GLY A 332 2.08 -17.02 6.00
C GLY A 332 1.05 -17.99 6.50
N LYS A 333 0.36 -17.66 7.60
CA LYS A 333 -0.56 -18.62 8.21
C LYS A 333 -2.03 -18.38 7.89
N THR A 334 -2.40 -17.22 7.33
CA THR A 334 -3.79 -16.90 7.04
C THR A 334 -3.88 -16.33 5.64
N GLY A 335 -4.76 -16.87 4.82
CA GLY A 335 -4.87 -16.28 3.50
C GLY A 335 -5.96 -16.94 2.69
N VAL A 336 -6.06 -16.48 1.44
CA VAL A 336 -7.09 -16.90 0.51
C VAL A 336 -6.43 -17.15 -0.83
N VAL A 337 -6.75 -18.29 -1.44
CA VAL A 337 -6.38 -18.58 -2.84
C VAL A 337 -7.65 -18.87 -3.63
N LEU A 338 -7.88 -18.11 -4.70
CA LEU A 338 -8.93 -18.41 -5.67
C LEU A 338 -8.27 -18.61 -7.02
N MET A 339 -8.61 -19.70 -7.69
CA MET A 339 -8.14 -19.92 -9.06
C MET A 339 -9.31 -20.32 -9.94
N SER A 340 -9.37 -19.72 -11.13
CA SER A 340 -10.49 -19.91 -12.05
C SER A 340 -9.99 -20.21 -13.44
N ASN A 341 -10.63 -21.19 -14.07
CA ASN A 341 -10.43 -21.50 -15.49
C ASN A 341 -11.46 -20.81 -16.38
N TYR A 342 -12.18 -19.82 -15.85
CA TYR A 342 -13.20 -19.12 -16.65
C TYR A 342 -13.20 -17.63 -16.29
N TYR A 343 -12.11 -16.95 -16.62
CA TYR A 343 -12.00 -15.53 -16.30
C TYR A 343 -13.11 -14.72 -16.98
N ARG A 344 -13.78 -13.88 -16.19
CA ARG A 344 -14.77 -12.93 -16.71
C ARG A 344 -14.44 -11.57 -16.10
N LYS A 345 -14.17 -10.57 -16.95
CA LYS A 345 -13.91 -9.24 -16.44
C LYS A 345 -15.08 -8.72 -15.62
N ALA A 346 -16.30 -9.12 -15.99
CA ALA A 346 -17.46 -8.65 -15.27
C ALA A 346 -17.72 -9.45 -14.01
N ALA A 347 -16.92 -10.47 -13.74
CA ALA A 347 -17.07 -11.26 -12.53
C ALA A 347 -15.67 -11.66 -12.07
N GLY A 348 -14.80 -10.67 -11.87
CA GLY A 348 -13.44 -10.96 -11.48
C GLY A 348 -13.34 -11.51 -10.07
N ILE A 349 -12.35 -12.39 -9.86
CA ILE A 349 -12.25 -13.13 -8.61
C ILE A 349 -11.38 -12.40 -7.59
N GLN A 350 -10.48 -11.51 -8.04
CA GLN A 350 -9.62 -10.81 -7.08
C GLN A 350 -10.43 -9.99 -6.08
N ALA A 351 -11.49 -9.32 -6.54
CA ALA A 351 -12.26 -8.48 -5.63
C ALA A 351 -12.92 -9.31 -4.53
N THR A 352 -13.37 -10.52 -4.89
CA THR A 352 -13.94 -11.44 -3.90
C THR A 352 -12.88 -11.90 -2.92
N ALA A 353 -11.71 -12.28 -3.41
CA ALA A 353 -10.66 -12.71 -2.52
C ALA A 353 -10.24 -11.58 -1.58
N ASN A 354 -10.18 -10.35 -2.09
CA ASN A 354 -9.81 -9.21 -1.25
C ASN A 354 -10.79 -9.02 -0.09
N LYS A 355 -12.07 -9.14 -0.39
CA LYS A 355 -13.07 -9.00 0.67
C LYS A 355 -12.93 -10.11 1.71
N ILE A 356 -12.79 -11.37 1.26
CA ILE A 356 -12.60 -12.47 2.18
C ILE A 356 -11.37 -12.22 3.07
N PHE A 357 -10.25 -11.85 2.44
CA PHE A 357 -9.01 -11.66 3.18
C PHE A 357 -9.16 -10.57 4.23
N THR A 358 -9.78 -9.45 3.87
CA THR A 358 -9.93 -8.35 4.82
C THR A 358 -10.72 -8.80 6.04
N GLU A 359 -11.80 -9.54 5.81
CA GLU A 359 -12.61 -10.04 6.92
C GLU A 359 -11.86 -11.09 7.73
N LEU A 360 -11.12 -11.96 7.05
CA LEU A 360 -10.35 -12.99 7.73
C LEU A 360 -9.30 -12.37 8.64
N MET A 361 -8.70 -11.27 8.23
CA MET A 361 -7.66 -10.64 9.02
C MET A 361 -8.22 -9.87 10.21
N LYS A 362 -9.49 -9.46 10.13
CA LYS A 362 -10.14 -8.81 11.26
C LYS A 362 -10.56 -9.86 12.29
N GLY A 363 -11.23 -10.90 11.82
CA GLY A 363 -11.75 -11.96 12.68
C GLY A 363 -13.21 -12.23 12.40
N ASP A 364 -13.62 -12.12 11.14
CA ASP A 364 -15.02 -12.29 10.74
C ASP A 364 -15.22 -13.48 9.81
N ASN B 44 27.10 9.73 2.05
CA ASN B 44 26.83 10.63 3.17
C ASN B 44 25.37 11.11 3.19
N THR B 45 24.80 11.09 4.39
CA THR B 45 23.41 11.50 4.56
C THR B 45 23.21 12.97 4.20
N ASP B 46 24.03 13.85 4.78
CA ASP B 46 23.90 15.28 4.50
C ASP B 46 23.95 15.55 3.01
N GLU B 47 24.93 14.97 2.32
CA GLU B 47 25.12 15.28 0.91
C GLU B 47 23.93 14.80 0.08
N GLN B 48 23.51 13.57 0.28
CA GLN B 48 22.43 13.01 -0.54
C GLN B 48 21.09 13.68 -0.24
N VAL B 49 20.77 13.85 1.06
CA VAL B 49 19.51 14.49 1.42
C VAL B 49 19.50 15.96 0.98
N THR B 50 20.61 16.67 1.18
CA THR B 50 20.66 18.07 0.79
C THR B 50 20.49 18.22 -0.71
N LYS B 51 21.13 17.34 -1.49
CA LYS B 51 20.96 17.39 -2.94
C LYS B 51 19.51 17.16 -3.32
N ALA B 52 18.86 16.18 -2.70
CA ALA B 52 17.45 15.94 -2.98
C ALA B 52 16.60 17.16 -2.68
N LEU B 53 16.84 17.81 -1.54
CA LEU B 53 16.03 18.97 -1.16
C LEU B 53 16.36 20.17 -2.05
N ASN B 54 17.63 20.35 -2.41
CA ASN B 54 17.99 21.45 -3.30
C ASN B 54 17.38 21.27 -4.68
N LEU B 55 17.43 20.04 -5.20
CA LEU B 55 16.90 19.76 -6.52
C LEU B 55 15.39 19.98 -6.58
N SER B 56 14.70 19.79 -5.47
CA SER B 56 13.26 20.00 -5.39
C SER B 56 12.91 21.40 -4.89
N HIS B 57 13.90 22.28 -4.78
CA HIS B 57 13.68 23.64 -4.36
C HIS B 57 12.88 23.71 -3.06
N PHE B 58 13.28 22.88 -2.11
CA PHE B 58 12.58 22.79 -0.84
C PHE B 58 12.71 24.11 -0.08
N VAL B 59 11.59 24.53 0.53
CA VAL B 59 11.52 25.65 1.45
C VAL B 59 10.83 25.14 2.71
N GLY B 60 11.53 25.14 3.81
CA GLY B 60 10.96 24.58 5.02
C GLY B 60 12.03 23.94 5.88
N SER B 61 11.60 22.97 6.69
CA SER B 61 12.49 22.28 7.60
C SER B 61 12.38 20.77 7.41
N ALA B 62 13.51 20.09 7.56
CA ALA B 62 13.65 18.68 7.26
C ALA B 62 14.30 17.97 8.44
N LEU B 63 13.74 16.83 8.83
CA LEU B 63 14.25 16.04 9.94
C LEU B 63 14.28 14.58 9.52
N VAL B 64 15.40 13.91 9.72
CA VAL B 64 15.54 12.49 9.44
C VAL B 64 16.09 11.80 10.69
N VAL B 65 15.42 10.74 11.12
CA VAL B 65 15.80 9.99 12.31
C VAL B 65 16.00 8.54 11.92
N LYS B 66 17.08 7.92 12.41
CA LYS B 66 17.35 6.51 12.16
C LYS B 66 17.65 5.84 13.49
N ASN B 67 16.88 4.81 13.84
CA ASN B 67 17.05 4.08 15.09
C ASN B 67 17.18 5.00 16.29
N ASP B 68 16.30 6.00 16.37
CA ASP B 68 16.13 6.93 17.47
C ASP B 68 17.25 7.97 17.52
N HIS B 69 18.06 8.08 16.47
CA HIS B 69 19.14 9.08 16.41
C HIS B 69 18.85 10.05 15.29
N VAL B 70 18.93 11.36 15.58
CA VAL B 70 18.78 12.36 14.54
C VAL B 70 20.01 12.31 13.64
N ILE B 71 19.80 12.10 12.35
CA ILE B 71 20.90 12.07 11.39
C ILE B 71 20.83 13.19 10.37
N TYR B 72 19.75 13.96 10.34
CA TYR B 72 19.68 15.14 9.47
C TYR B 72 18.66 16.08 10.07
N ASN B 73 18.99 17.37 10.10
CA ASN B 73 18.15 18.36 10.78
C ASN B 73 18.55 19.72 10.19
N ARG B 74 17.83 20.17 9.17
CA ARG B 74 18.25 21.35 8.44
C ARG B 74 17.05 22.11 7.89
N ALA B 75 17.19 23.42 7.77
CA ALA B 75 16.16 24.27 7.20
C ALA B 75 16.65 25.01 5.96
N PHE B 76 15.70 25.41 5.13
CA PHE B 76 15.92 26.03 3.83
C PHE B 76 14.92 27.15 3.60
N GLY B 77 15.37 28.24 2.95
CA GLY B 77 14.46 29.29 2.55
C GLY B 77 14.04 30.18 3.70
N TYR B 78 12.99 30.95 3.45
CA TYR B 78 12.54 32.00 4.36
C TYR B 78 11.22 31.62 5.00
N ALA B 79 11.15 31.83 6.32
CA ALA B 79 9.91 31.82 7.08
C ALA B 79 9.06 33.05 6.76
N ASN B 80 9.72 34.21 6.61
CA ASN B 80 9.05 35.43 6.19
C ASN B 80 10.07 36.27 5.43
N LYS B 81 9.91 36.37 4.12
CA LYS B 81 10.91 37.05 3.31
C LYS B 81 10.93 38.54 3.58
N ALA B 82 9.76 39.16 3.73
CA ALA B 82 9.71 40.61 3.95
C ALA B 82 10.50 41.00 5.19
N LYS B 83 10.44 40.19 6.23
CA LYS B 83 11.17 40.42 7.46
C LYS B 83 12.57 39.83 7.43
N ASN B 84 12.99 39.27 6.30
CA ASN B 84 14.31 38.65 6.18
C ASN B 84 14.52 37.58 7.23
N GLN B 85 13.48 36.85 7.61
CA GLN B 85 13.56 35.84 8.66
C GLN B 85 13.67 34.48 7.97
N ARG B 86 14.81 33.80 8.16
CA ARG B 86 15.02 32.51 7.52
C ARG B 86 14.33 31.40 8.32
N ASN B 87 13.90 30.38 7.61
CA ASN B 87 13.44 29.17 8.27
C ASN B 87 14.58 28.57 9.10
N LYS B 88 14.19 27.99 10.24
CA LYS B 88 15.12 27.37 11.17
C LYS B 88 14.63 25.97 11.49
N VAL B 89 15.50 25.16 12.09
CA VAL B 89 15.11 23.79 12.41
C VAL B 89 13.95 23.77 13.39
N ASN B 90 13.83 24.79 14.23
CA ASN B 90 12.75 24.88 15.22
C ASN B 90 11.61 25.81 14.78
N SER B 91 11.57 26.22 13.52
CA SER B 91 10.44 26.99 13.01
C SER B 91 9.15 26.17 13.09
N LYS B 92 8.03 26.88 13.16
CA LYS B 92 6.71 26.28 13.30
C LYS B 92 5.98 26.27 11.97
N TYR B 93 5.41 25.10 11.61
CA TYR B 93 4.68 24.92 10.37
C TYR B 93 3.32 24.30 10.65
N GLN B 94 2.43 24.42 9.67
CA GLN B 94 1.12 23.80 9.79
C GLN B 94 1.21 22.28 9.59
N ILE B 95 0.66 21.52 10.55
CA ILE B 95 0.66 20.06 10.39
C ILE B 95 -0.47 19.62 9.48
N LEU B 96 -1.48 20.45 9.32
CA LEU B 96 -2.55 20.19 8.35
C LEU B 96 -3.20 18.85 8.71
N SER B 97 -3.52 18.04 7.71
CA SER B 97 -4.23 16.79 7.93
C SER B 97 -3.46 15.79 8.77
N ILE B 98 -2.16 15.97 9.01
CA ILE B 98 -1.46 15.08 9.92
C ILE B 98 -2.09 15.15 11.31
N GLN B 99 -2.81 16.23 11.62
CA GLN B 99 -3.52 16.29 12.90
C GLN B 99 -4.58 15.19 13.03
N LYS B 100 -5.11 14.68 11.92
CA LYS B 100 -6.14 13.65 12.00
C LYS B 100 -5.65 12.40 12.74
N SER B 101 -4.36 12.07 12.60
CA SER B 101 -3.79 10.93 13.33
C SER B 101 -3.88 11.10 14.83
N MET B 102 -3.82 12.36 15.30
CA MET B 102 -3.89 12.70 16.72
C MET B 102 -5.34 12.68 17.21
N THR B 103 -6.26 13.24 16.42
CA THR B 103 -7.69 13.09 16.71
C THR B 103 -8.05 11.62 16.81
N ALA B 104 -7.52 10.79 15.90
CA ALA B 104 -7.79 9.36 15.95
C ALA B 104 -7.33 8.74 17.25
N VAL B 105 -6.12 9.11 17.71
CA VAL B 105 -5.63 8.56 18.97
C VAL B 105 -6.53 8.99 20.13
N GLY B 106 -7.02 10.22 20.10
CA GLY B 106 -7.93 10.68 21.14
C GLY B 106 -9.18 9.81 21.23
N ILE B 107 -9.76 9.48 20.07
CA ILE B 107 -10.91 8.57 20.04
C ILE B 107 -10.53 7.20 20.60
N MET B 108 -9.37 6.68 20.19
CA MET B 108 -8.97 5.36 20.68
C MET B 108 -8.64 5.35 22.16
N GLN B 109 -8.18 6.47 22.70
CA GLN B 109 -8.03 6.58 24.16
C GLN B 109 -9.37 6.44 24.87
N LEU B 110 -10.44 6.98 24.28
CA LEU B 110 -11.77 6.82 24.87
C LEU B 110 -12.26 5.38 24.75
N VAL B 111 -11.91 4.69 23.67
CA VAL B 111 -12.19 3.26 23.58
C VAL B 111 -11.46 2.51 24.70
N GLN B 112 -10.18 2.83 24.90
CA GLN B 112 -9.36 2.13 25.90
C GLN B 112 -9.93 2.35 27.30
N ALA B 113 -10.59 3.47 27.52
CA ALA B 113 -11.17 3.78 28.82
C ALA B 113 -12.59 3.26 28.98
N GLY B 114 -13.16 2.67 27.94
CA GLY B 114 -14.50 2.13 28.08
C GLY B 114 -15.59 3.14 27.92
N LYS B 115 -15.29 4.28 27.29
CA LYS B 115 -16.23 5.37 27.18
C LYS B 115 -16.89 5.45 25.81
N VAL B 116 -16.27 4.85 24.78
CA VAL B 116 -16.88 4.71 23.46
C VAL B 116 -16.48 3.35 22.90
N LYS B 117 -17.17 2.90 21.85
CA LYS B 117 -16.76 1.72 21.11
C LYS B 117 -16.66 2.05 19.63
N LEU B 118 -15.74 1.39 18.93
CA LEU B 118 -15.58 1.65 17.51
C LEU B 118 -16.80 1.20 16.69
N THR B 119 -17.59 0.27 17.20
CA THR B 119 -18.83 -0.12 16.55
C THR B 119 -19.97 0.85 16.80
N ASP B 120 -19.78 1.88 17.63
CA ASP B 120 -20.89 2.80 17.91
C ASP B 120 -21.30 3.51 16.62
N PRO B 121 -22.59 3.76 16.42
CA PRO B 121 -23.03 4.56 15.28
C PRO B 121 -22.85 6.04 15.56
N ILE B 122 -22.55 6.80 14.51
CA ILE B 122 -22.37 8.24 14.63
C ILE B 122 -23.60 8.90 15.26
N SER B 123 -24.79 8.33 15.04
CA SER B 123 -26.03 8.92 15.57
C SER B 123 -26.13 8.82 17.09
N LYS B 124 -25.34 7.96 17.73
CA LYS B 124 -25.29 7.97 19.19
C LYS B 124 -24.81 9.30 19.73
N TYR B 125 -23.94 9.99 18.98
CA TYR B 125 -23.35 11.25 19.40
C TYR B 125 -23.96 12.46 18.69
N TYR B 126 -24.59 12.24 17.54
CA TYR B 126 -25.21 13.30 16.74
C TYR B 126 -26.65 12.89 16.46
N PRO B 127 -27.53 13.04 17.46
CA PRO B 127 -28.90 12.54 17.28
C PRO B 127 -29.68 13.28 16.21
N THR B 128 -29.24 14.47 15.80
CA THR B 128 -30.01 15.20 14.79
C THR B 128 -29.69 14.76 13.37
N LEU B 129 -28.65 13.95 13.13
CA LEU B 129 -28.34 13.59 11.77
C LEU B 129 -29.52 12.91 11.10
N LYS B 130 -29.78 13.31 9.87
CA LYS B 130 -30.89 12.78 9.10
C LYS B 130 -30.48 11.53 8.34
N HIS B 131 -29.27 11.50 7.79
CA HIS B 131 -28.83 10.41 6.95
C HIS B 131 -27.48 9.89 7.41
N GLY B 132 -27.17 8.67 6.99
CA GLY B 132 -25.91 8.05 7.35
C GLY B 132 -25.77 7.71 8.80
N ARG B 133 -26.88 7.57 9.53
CA ARG B 133 -26.84 7.49 10.98
C ARG B 133 -26.18 6.21 11.49
N GLN B 134 -26.13 5.16 10.67
CA GLN B 134 -25.55 3.88 11.03
C GLN B 134 -24.03 3.86 10.89
N THR B 135 -23.46 4.88 10.27
CA THR B 135 -22.02 4.93 10.06
C THR B 135 -21.29 4.78 11.38
N THR B 136 -20.31 3.89 11.41
CA THR B 136 -19.65 3.62 12.67
C THR B 136 -18.44 4.55 12.87
N LEU B 137 -18.03 4.68 14.12
CA LEU B 137 -16.80 5.40 14.42
C LEU B 137 -15.61 4.78 13.69
N ARG B 138 -15.58 3.45 13.57
CA ARG B 138 -14.55 2.78 12.80
C ARG B 138 -14.46 3.35 11.38
N GLN B 139 -15.61 3.51 10.71
CA GLN B 139 -15.59 4.03 9.33
C GLN B 139 -15.11 5.47 9.29
N MET B 140 -15.54 6.28 10.27
CA MET B 140 -15.10 7.67 10.29
CA MET B 140 -15.11 7.68 10.31
C MET B 140 -13.58 7.76 10.38
N LEU B 141 -12.98 6.91 11.22
CA LEU B 141 -11.54 6.87 11.38
C LEU B 141 -10.82 6.40 10.14
N ASP B 142 -11.51 5.69 9.26
CA ASP B 142 -10.90 5.04 8.11
C ASP B 142 -11.22 5.74 6.81
N MET B 143 -11.93 6.87 6.86
CA MET B 143 -12.40 7.54 5.65
C MET B 143 -13.21 6.62 4.74
N THR B 144 -14.08 5.80 5.32
CA THR B 144 -14.94 4.93 4.54
C THR B 144 -16.41 5.30 4.73
N THR B 145 -16.70 6.59 4.85
CA THR B 145 -18.05 7.07 5.03
C THR B 145 -18.55 7.81 3.80
N GLY B 146 -19.87 8.01 3.76
CA GLY B 146 -20.45 8.87 2.75
C GLY B 146 -20.61 10.33 3.11
N PHE B 147 -20.06 10.79 4.23
CA PHE B 147 -20.27 12.17 4.66
C PHE B 147 -19.32 13.10 3.92
N ARG B 148 -19.82 14.29 3.58
CA ARG B 148 -18.99 15.35 3.03
C ARG B 148 -19.55 16.71 3.44
N LEU B 149 -18.69 17.59 3.92
CA LEU B 149 -19.05 18.98 4.23
C LEU B 149 -18.37 19.85 3.19
N LYS B 150 -19.18 20.47 2.33
CA LYS B 150 -18.64 21.25 1.21
C LYS B 150 -17.91 22.50 1.70
N SER B 151 -18.44 23.17 2.72
CA SER B 151 -17.74 24.29 3.31
C SER B 151 -18.25 24.46 4.73
N GLY B 152 -17.40 25.03 5.60
CA GLY B 152 -17.81 25.46 6.92
C GLY B 152 -18.41 26.87 6.86
N SER B 153 -18.75 27.37 8.04
CA SER B 153 -19.35 28.70 8.12
C SER B 153 -18.36 29.76 7.67
N LYS B 154 -18.87 30.82 7.03
CA LYS B 154 -18.04 31.98 6.72
C LYS B 154 -17.77 32.82 7.95
N GLU B 155 -18.48 32.57 9.04
CA GLU B 155 -18.24 33.25 10.30
C GLU B 155 -17.09 32.56 11.04
N PHE B 156 -16.58 33.27 12.05
CA PHE B 156 -15.58 32.76 12.98
C PHE B 156 -16.34 32.34 14.24
N LEU B 157 -16.48 31.01 14.42
CA LEU B 157 -17.37 30.45 15.39
C LEU B 157 -16.60 29.71 16.48
N PRO B 158 -17.15 29.62 17.68
CA PRO B 158 -16.54 28.78 18.72
C PRO B 158 -16.75 27.30 18.37
N GLU B 159 -15.96 26.45 19.03
CA GLU B 159 -15.92 25.02 18.65
C GLU B 159 -17.30 24.40 18.62
N ASN B 160 -18.11 24.66 19.63
CA ASN B 160 -19.43 24.04 19.67
C ASN B 160 -20.26 24.40 18.46
N GLN B 161 -20.17 25.64 17.98
CA GLN B 161 -20.95 26.09 16.83
C GLN B 161 -20.36 25.61 15.51
N VAL B 162 -19.03 25.39 15.46
CA VAL B 162 -18.43 24.72 14.30
C VAL B 162 -18.99 23.31 14.18
N ILE B 163 -19.04 22.58 15.31
CA ILE B 163 -19.61 21.23 15.32
C ILE B 163 -21.07 21.26 14.91
N ASP B 164 -21.84 22.17 15.49
CA ASP B 164 -23.26 22.27 15.17
C ASP B 164 -23.46 22.57 13.69
N PHE B 165 -22.65 23.46 13.12
CA PHE B 165 -22.76 23.79 11.72
C PHE B 165 -22.51 22.56 10.87
N ALA B 166 -21.47 21.80 11.20
CA ALA B 166 -21.16 20.60 10.42
C ALA B 166 -22.29 19.60 10.49
N ALA B 167 -22.81 19.33 11.70
CA ALA B 167 -23.87 18.32 11.89
C ALA B 167 -25.14 18.70 11.13
N HIS B 168 -25.40 19.98 10.99
CA HIS B 168 -26.62 20.42 10.33
CA HIS B 168 -26.62 20.41 10.32
C HIS B 168 -26.46 20.52 8.82
N ASN B 169 -25.23 20.68 8.30
CA ASN B 169 -25.03 20.95 6.89
C ASN B 169 -24.31 19.83 6.12
N VAL B 170 -23.87 18.78 6.81
CA VAL B 170 -23.13 17.71 6.14
C VAL B 170 -24.05 17.01 5.15
N PHE B 171 -23.49 16.64 4.00
CA PHE B 171 -24.17 15.83 2.99
C PHE B 171 -23.80 14.37 3.19
N TYR B 172 -24.67 13.48 2.72
CA TYR B 172 -24.42 12.05 2.80
C TYR B 172 -24.65 11.41 1.44
N TYR B 173 -23.65 10.67 0.97
CA TYR B 173 -23.67 10.00 -0.32
C TYR B 173 -23.68 8.50 -0.08
N PRO B 174 -24.83 7.83 -0.17
CA PRO B 174 -24.85 6.40 0.14
C PRO B 174 -23.89 5.56 -0.70
N ASP B 175 -23.62 5.98 -1.94
CA ASP B 175 -22.76 5.19 -2.80
C ASP B 175 -21.32 5.18 -2.32
N LYS B 176 -20.95 6.10 -1.44
CA LYS B 176 -19.60 6.13 -0.89
C LYS B 176 -19.49 5.40 0.44
N ASN B 177 -20.59 4.97 1.02
CA ASN B 177 -20.52 4.23 2.27
C ASN B 177 -19.70 2.96 2.12
N GLY B 178 -18.68 2.81 2.96
CA GLY B 178 -17.88 1.60 3.03
C GLY B 178 -16.74 1.54 2.05
N ILE B 179 -16.48 2.62 1.31
CA ILE B 179 -15.38 2.68 0.37
C ILE B 179 -14.49 3.84 0.77
N TYR B 180 -13.17 3.66 0.67
CA TYR B 180 -12.25 4.75 1.00
C TYR B 180 -12.50 5.96 0.10
N ASN B 181 -12.69 7.12 0.72
CA ASN B 181 -12.80 8.39 0.01
C ASN B 181 -12.49 9.46 1.04
N TYR B 182 -11.48 10.27 0.76
CA TYR B 182 -11.01 11.23 1.75
C TYR B 182 -12.06 12.30 2.00
N SER B 183 -12.40 12.51 3.26
CA SER B 183 -13.40 13.52 3.58
C SER B 183 -13.11 14.04 4.99
N SER B 184 -12.69 15.30 5.08
CA SER B 184 -12.22 15.79 6.36
CA SER B 184 -12.22 15.82 6.35
C SER B 184 -13.31 15.89 7.41
N VAL B 185 -14.58 16.03 7.02
CA VAL B 185 -15.63 16.20 8.02
C VAL B 185 -15.67 15.01 8.96
N ASN B 186 -15.22 13.83 8.52
CA ASN B 186 -15.22 12.68 9.42
C ASN B 186 -14.46 12.97 10.70
N PHE B 187 -13.32 13.66 10.58
CA PHE B 187 -12.46 13.93 11.72
C PHE B 187 -12.89 15.16 12.51
N LEU B 188 -13.59 16.09 11.86
CA LEU B 188 -14.26 17.15 12.61
C LEU B 188 -15.33 16.57 13.52
N LEU B 189 -16.14 15.67 12.98
CA LEU B 189 -17.17 15.04 13.82
C LEU B 189 -16.57 14.16 14.91
N LEU B 190 -15.44 13.48 14.63
CA LEU B 190 -14.75 12.76 15.70
C LEU B 190 -14.26 13.71 16.79
N ALA B 191 -13.74 14.89 16.40
CA ALA B 191 -13.34 15.89 17.40
C ALA B 191 -14.53 16.30 18.25
N GLY B 192 -15.71 16.40 17.65
CA GLY B 192 -16.91 16.68 18.42
C GLY B 192 -17.26 15.58 19.40
N ILE B 193 -17.01 14.32 19.02
CA ILE B 193 -17.24 13.22 19.95
C ILE B 193 -16.32 13.34 21.16
N ILE B 194 -15.05 13.70 20.92
CA ILE B 194 -14.15 13.90 22.05
C ILE B 194 -14.69 14.97 22.99
N ARG B 195 -15.16 16.09 22.44
CA ARG B 195 -15.77 17.14 23.25
C ARG B 195 -16.95 16.60 24.04
N LYS B 196 -17.87 15.90 23.37
CA LYS B 196 -19.12 15.50 24.01
C LYS B 196 -18.88 14.50 25.13
N VAL B 197 -17.97 13.55 24.91
CA VAL B 197 -17.74 12.49 25.88
C VAL B 197 -16.95 13.03 27.08
N THR B 198 -15.97 13.91 26.84
CA THR B 198 -15.07 14.32 27.91
C THR B 198 -15.52 15.58 28.64
N GLY B 199 -16.43 16.35 28.06
CA GLY B 199 -16.86 17.55 28.74
C GLY B 199 -15.84 18.65 28.72
N GLN B 200 -14.92 18.61 27.78
CA GLN B 200 -13.89 19.62 27.60
CA GLN B 200 -13.92 19.66 27.60
C GLN B 200 -13.79 20.00 26.13
N SER B 201 -13.22 21.16 25.85
CA SER B 201 -13.01 21.55 24.47
C SER B 201 -11.96 20.66 23.83
N TYR B 202 -12.04 20.53 22.50
CA TYR B 202 -10.98 19.81 21.80
C TYR B 202 -9.64 20.47 22.04
N GLN B 203 -9.61 21.81 22.04
CA GLN B 203 -8.34 22.49 22.29
C GLN B 203 -7.76 22.08 23.64
N HIS B 204 -8.60 22.04 24.66
CA HIS B 204 -8.07 21.65 25.97
C HIS B 204 -7.62 20.20 25.97
N PHE B 205 -8.42 19.31 25.39
CA PHE B 205 -8.01 17.92 25.26
C PHE B 205 -6.66 17.76 24.56
N PHE B 206 -6.48 18.44 23.41
CA PHE B 206 -5.23 18.33 22.67
C PHE B 206 -4.07 18.87 23.50
N THR B 207 -4.31 19.97 24.22
CA THR B 207 -3.24 20.56 25.02
C THR B 207 -2.80 19.60 26.12
N THR B 208 -3.76 18.99 26.82
CA THR B 208 -3.35 18.16 27.95
C THR B 208 -2.85 16.79 27.50
N HIS B 209 -3.41 16.24 26.42
CA HIS B 209 -3.09 14.89 25.99
C HIS B 209 -1.87 14.84 25.10
N PHE B 210 -1.53 15.92 24.42
CA PHE B 210 -0.37 15.94 23.54
C PHE B 210 0.67 16.96 23.99
N ILE B 211 0.32 18.24 24.07
CA ILE B 211 1.29 19.29 24.33
C ILE B 211 1.92 19.14 25.70
N ASP B 212 1.10 19.06 26.75
CA ASP B 212 1.63 18.96 28.11
C ASP B 212 2.22 17.58 28.35
N LYS B 213 1.57 16.54 27.83
CA LYS B 213 2.00 15.17 28.08
C LYS B 213 3.39 14.91 27.53
N LEU B 214 3.69 15.45 26.35
CA LEU B 214 4.94 15.20 25.65
C LEU B 214 5.90 16.38 25.74
N ASN B 215 5.58 17.40 26.53
CA ASN B 215 6.46 18.56 26.68
C ASN B 215 6.82 19.18 25.35
N LEU B 216 5.80 19.38 24.52
CA LEU B 216 5.98 20.03 23.24
C LEU B 216 6.07 21.54 23.46
N ASN B 217 7.19 22.11 23.06
CA ASN B 217 7.42 23.54 23.21
C ASN B 217 7.30 24.37 21.95
N GLU B 218 7.06 23.74 20.78
CA GLU B 218 6.86 24.46 19.55
C GLU B 218 5.53 24.11 18.90
N THR B 219 4.52 23.80 19.73
CA THR B 219 3.23 23.30 19.26
C THR B 219 2.11 24.15 19.84
N GLY B 220 1.14 24.46 19.00
CA GLY B 220 0.00 25.22 19.45
C GLY B 220 -1.06 25.28 18.37
N PHE B 221 -2.05 26.15 18.60
CA PHE B 221 -3.14 26.40 17.68
C PHE B 221 -2.89 27.69 16.92
N LEU B 222 -2.97 27.59 15.60
CA LEU B 222 -2.72 28.73 14.73
C LEU B 222 -3.56 29.94 15.10
N ILE B 223 -4.78 29.74 15.56
CA ILE B 223 -5.69 30.85 15.87
C ILE B 223 -5.14 31.76 16.97
N HIS B 224 -4.21 31.28 17.80
CA HIS B 224 -3.63 32.11 18.85
C HIS B 224 -2.31 32.73 18.45
N GLY B 225 -1.86 32.50 17.24
CA GLY B 225 -0.54 32.92 16.80
C GLY B 225 0.51 31.88 17.08
N GLN B 226 1.49 31.81 16.18
CA GLN B 226 2.60 30.89 16.36
C GLN B 226 3.64 31.41 17.34
N GLY B 227 3.78 32.73 17.46
CA GLY B 227 4.77 33.25 18.39
C GLY B 227 6.15 33.32 17.78
N GLN B 228 7.17 32.93 18.54
CA GLN B 228 8.53 33.02 18.06
C GLN B 228 8.80 31.95 17.03
N ASP B 229 9.62 32.28 16.06
CA ASP B 229 10.01 31.36 14.99
C ASP B 229 8.81 30.91 14.15
N ALA B 230 7.88 31.84 13.96
CA ALA B 230 6.70 31.66 13.13
C ALA B 230 7.07 31.65 11.66
N THR B 231 6.25 30.97 10.87
CA THR B 231 6.38 31.01 9.42
C THR B 231 5.13 31.62 8.82
N THR B 232 5.29 32.08 7.58
CA THR B 232 4.24 32.61 6.74
C THR B 232 4.08 31.69 5.52
N GLY B 233 2.83 31.40 5.15
CA GLY B 233 2.56 30.62 3.96
C GLY B 233 2.58 31.49 2.72
N TYR B 234 3.10 30.94 1.62
CA TYR B 234 3.21 31.66 0.36
C TYR B 234 2.41 31.00 -0.75
N ARG B 235 1.82 31.84 -1.60
CA ARG B 235 1.06 31.36 -2.73
C ARG B 235 2.00 30.98 -3.87
N ALA B 236 1.52 30.10 -4.73
CA ALA B 236 2.30 29.67 -5.89
C ALA B 236 1.38 29.26 -7.02
N LEU B 237 1.93 29.29 -8.23
CA LEU B 237 1.20 28.80 -9.39
C LEU B 237 1.34 27.28 -9.46
N ALA B 238 0.46 26.66 -10.24
CA ALA B 238 0.44 25.19 -10.33
C ALA B 238 1.71 24.65 -10.96
N ASP B 239 2.36 25.42 -11.83
CA ASP B 239 3.56 24.94 -12.51
C ASP B 239 4.85 25.56 -11.97
N GLN B 240 4.76 26.39 -10.94
CA GLN B 240 5.93 27.10 -10.44
C GLN B 240 6.82 26.20 -9.62
N THR B 241 8.13 26.27 -9.88
CA THR B 241 9.11 25.58 -9.04
C THR B 241 9.99 26.52 -8.24
N LEU B 242 10.27 27.71 -8.73
CA LEU B 242 11.24 28.55 -8.03
C LEU B 242 10.52 29.47 -7.03
N PRO B 243 10.99 29.52 -5.78
CA PRO B 243 10.36 30.45 -4.82
C PRO B 243 10.70 31.89 -5.15
N ASN B 244 9.67 32.75 -5.10
CA ASN B 244 9.87 34.20 -5.22
C ASN B 244 9.29 35.01 -4.05
N TYR B 245 8.44 34.42 -3.20
CA TYR B 245 7.93 35.06 -1.99
C TYR B 245 7.09 36.31 -2.30
N ASP B 246 6.47 36.36 -3.48
CA ASP B 246 5.81 37.59 -3.88
C ASP B 246 4.46 37.81 -3.23
N GLN B 247 3.77 36.74 -2.82
CA GLN B 247 2.45 36.87 -2.23
CA GLN B 247 2.43 36.83 -2.27
C GLN B 247 2.29 35.86 -1.11
N THR B 248 1.86 36.37 0.05
CA THR B 248 1.54 35.47 1.15
C THR B 248 0.15 34.89 0.93
N MET B 249 -0.09 33.73 1.55
CA MET B 249 -1.37 33.04 1.43
C MET B 249 -2.19 33.38 2.66
N PRO B 250 -3.35 34.00 2.51
CA PRO B 250 -4.15 34.37 3.67
C PRO B 250 -4.87 33.15 4.23
N GLU B 251 -5.08 33.18 5.54
CA GLU B 251 -5.96 32.23 6.18
C GLU B 251 -6.75 32.98 7.24
N SER B 252 -8.08 32.94 7.15
CA SER B 252 -8.91 33.67 8.09
C SER B 252 -9.10 32.91 9.40
N LYS B 253 -9.55 33.61 10.43
CA LYS B 253 -9.89 32.94 11.68
C LYS B 253 -11.03 31.95 11.48
N SER B 254 -12.01 32.29 10.63
CA SER B 254 -13.05 31.33 10.28
C SER B 254 -12.46 30.05 9.71
N GLN B 255 -11.51 30.20 8.77
CA GLN B 255 -10.87 29.01 8.22
C GLN B 255 -10.15 28.21 9.31
N MET B 256 -9.45 28.88 10.24
CA MET B 256 -8.76 28.11 11.27
C MET B 256 -9.73 27.41 12.19
N ALA B 257 -10.81 28.08 12.54
CA ALA B 257 -11.79 27.49 13.44
C ALA B 257 -12.45 26.27 12.80
N ASN B 258 -12.68 26.35 11.49
CA ASN B 258 -13.35 25.29 10.75
C ASN B 258 -12.47 24.06 10.58
N GLU B 259 -11.17 24.17 10.92
CA GLU B 259 -10.22 23.05 10.89
C GLU B 259 -10.17 22.30 12.22
N LEU B 260 -11.21 22.42 13.04
CA LEU B 260 -11.34 21.66 14.26
C LEU B 260 -11.10 20.18 14.05
N GLY B 261 -10.07 19.66 14.71
CA GLY B 261 -9.74 18.24 14.66
C GLY B 261 -8.97 17.80 13.44
N THR B 262 -8.79 18.69 12.47
CA THR B 262 -8.37 18.27 11.14
C THR B 262 -7.19 19.02 10.57
N GLY B 263 -6.85 20.20 11.07
CA GLY B 263 -5.75 20.95 10.49
C GLY B 263 -5.65 22.37 11.01
N GLN B 264 -5.62 22.50 12.33
CA GLN B 264 -5.63 23.80 13.01
C GLN B 264 -4.40 24.03 13.89
N VAL B 265 -3.41 23.13 13.84
CA VAL B 265 -2.26 23.07 14.77
C VAL B 265 -0.97 23.34 14.02
N TYR B 266 -0.05 24.03 14.68
CA TYR B 266 1.32 24.19 14.21
C TYR B 266 2.25 23.35 15.09
N MET B 267 3.34 22.88 14.48
CA MET B 267 4.43 22.17 15.14
C MET B 267 5.75 22.46 14.46
N SER B 268 6.83 22.30 15.22
CA SER B 268 8.14 22.12 14.61
C SER B 268 8.26 20.66 14.13
N THR B 269 9.26 20.41 13.27
CA THR B 269 9.49 19.04 12.81
C THR B 269 9.77 18.12 13.99
N ALA B 270 10.53 18.61 14.97
CA ALA B 270 10.83 17.78 16.14
C ALA B 270 9.56 17.41 16.90
N ASP B 271 8.67 18.37 17.10
CA ASP B 271 7.46 18.04 17.85
C ASP B 271 6.56 17.06 17.09
N LEU B 272 6.45 17.20 15.77
CA LEU B 272 5.64 16.26 14.99
C LEU B 272 6.23 14.85 15.05
N PHE B 273 7.56 14.75 14.91
CA PHE B 273 8.18 13.43 15.05
C PHE B 273 7.91 12.85 16.43
N THR B 274 8.07 13.68 17.47
CA THR B 274 7.85 13.20 18.84
C THR B 274 6.45 12.61 18.99
N VAL B 275 5.41 13.32 18.50
CA VAL B 275 4.05 12.84 18.69
C VAL B 275 3.84 11.51 17.97
N GLU B 276 4.20 11.47 16.71
CA GLU B 276 3.93 10.26 15.92
C GLU B 276 4.73 9.08 16.43
N SER B 277 5.99 9.32 16.81
CA SER B 277 6.79 8.25 17.38
C SER B 277 6.23 7.79 18.71
N ALA B 278 5.81 8.73 19.57
CA ALA B 278 5.22 8.36 20.85
C ALA B 278 4.00 7.47 20.66
N ILE B 279 3.19 7.74 19.63
CA ILE B 279 2.02 6.90 19.35
C ILE B 279 2.46 5.48 19.04
N LEU B 280 3.40 5.31 18.09
CA LEU B 280 3.78 3.96 17.70
C LEU B 280 4.53 3.24 18.81
N LYS B 281 5.20 3.97 19.68
CA LYS B 281 5.92 3.35 20.80
C LYS B 281 4.99 2.96 21.95
N GLY B 282 3.70 3.27 21.90
CA GLY B 282 2.80 2.89 22.98
C GLY B 282 2.76 3.84 24.15
N GLN B 283 3.23 5.07 23.99
CA GLN B 283 3.29 6.01 25.09
C GLN B 283 1.96 6.69 25.40
N LEU B 284 1.04 6.75 24.43
CA LEU B 284 -0.23 7.43 24.61
C LEU B 284 -1.44 6.50 24.63
N LEU B 285 -1.23 5.21 24.42
CA LEU B 285 -2.26 4.26 24.03
C LEU B 285 -1.55 2.93 23.94
N SER B 286 -2.15 1.85 24.43
CA SER B 286 -1.46 0.57 24.41
C SER B 286 -1.08 0.20 22.99
N LYS B 287 0.02 -0.55 22.85
CA LYS B 287 0.41 -1.01 21.52
C LYS B 287 -0.67 -1.86 20.86
N LYS B 288 -1.41 -2.66 21.65
CA LYS B 288 -2.51 -3.43 21.08
C LYS B 288 -3.55 -2.49 20.47
N ASN B 289 -3.90 -1.43 21.18
CA ASN B 289 -4.89 -0.50 20.67
C ASN B 289 -4.34 0.33 19.52
N VAL B 290 -3.02 0.63 19.49
CA VAL B 290 -2.47 1.28 18.31
C VAL B 290 -2.62 0.41 17.08
N ALA B 291 -2.37 -0.89 17.23
CA ALA B 291 -2.50 -1.81 16.11
C ALA B 291 -3.94 -1.92 15.65
N ILE B 292 -4.88 -2.01 16.59
CA ILE B 292 -6.30 -2.02 16.21
CA ILE B 292 -6.31 -2.01 16.22
C ILE B 292 -6.65 -0.74 15.45
N LEU B 293 -6.22 0.40 15.97
CA LEU B 293 -6.52 1.67 15.31
C LEU B 293 -5.92 1.74 13.91
N HIS B 294 -4.63 1.44 13.80
CA HIS B 294 -3.89 1.53 12.53
C HIS B 294 -4.04 0.23 11.74
N THR B 295 -5.27 -0.02 11.30
CA THR B 295 -5.60 -1.17 10.46
C THR B 295 -6.21 -0.66 9.17
N ARG B 296 -5.67 -1.09 8.04
CA ARG B 296 -6.20 -0.68 6.73
C ARG B 296 -7.54 -1.36 6.43
N THR B 297 -8.15 -0.94 5.32
CA THR B 297 -9.46 -1.47 4.91
C THR B 297 -9.34 -2.20 3.58
N ALA B 298 -10.46 -2.76 3.13
CA ALA B 298 -10.44 -3.50 1.87
C ALA B 298 -10.10 -2.59 0.71
N THR B 299 -10.54 -1.34 0.77
CA THR B 299 -10.42 -0.42 -0.35
C THR B 299 -9.36 0.65 -0.16
N GLY B 300 -8.72 0.75 0.99
CA GLY B 300 -7.71 1.79 1.17
C GLY B 300 -6.67 1.45 2.20
N GLU B 301 -5.45 1.94 1.97
CA GLU B 301 -4.42 1.90 2.99
C GLU B 301 -4.82 2.67 4.26
N TYR B 302 -5.65 3.68 4.11
CA TYR B 302 -5.95 4.53 5.26
C TYR B 302 -6.68 3.73 6.33
N GLY B 303 -6.31 3.95 7.59
CA GLY B 303 -7.02 3.38 8.70
C GLY B 303 -6.60 4.02 9.97
N GLY B 304 -7.53 4.52 10.79
CA GLY B 304 -7.15 5.08 12.05
C GLY B 304 -6.34 6.35 11.93
N GLY B 305 -6.60 7.16 10.91
CA GLY B 305 -6.02 8.47 10.81
C GLY B 305 -4.66 8.52 10.15
N VAL B 306 -4.17 7.41 9.57
CA VAL B 306 -2.90 7.35 8.86
C VAL B 306 -3.05 6.41 7.67
N TYR B 307 -2.14 6.55 6.69
CA TYR B 307 -2.00 5.56 5.62
C TYR B 307 -1.09 4.44 6.12
N ASN B 308 -1.59 3.22 6.10
CA ASN B 308 -0.86 2.06 6.60
C ASN B 308 -0.19 1.33 5.45
N MET B 309 1.11 1.29 5.48
CA MET B 309 1.91 0.72 4.40
C MET B 309 2.65 -0.51 4.90
N SER B 310 3.30 -1.20 3.96
CA SER B 310 4.00 -2.39 4.35
C SER B 310 5.24 -2.08 5.19
N ASN B 311 5.75 -0.83 5.12
CA ASN B 311 7.00 -0.47 5.78
C ASN B 311 6.79 0.68 6.77
N GLY B 312 5.56 0.90 7.21
CA GLY B 312 5.30 1.91 8.21
C GLY B 312 4.03 2.68 7.95
N ILE B 313 4.00 3.91 8.43
CA ILE B 313 2.84 4.77 8.21
C ILE B 313 3.29 6.01 7.46
N ARG B 314 2.32 6.63 6.78
CA ARG B 314 2.51 7.88 6.05
CA ARG B 314 2.56 7.92 6.18
C ARG B 314 1.34 8.79 6.40
N SER B 315 1.57 10.09 6.47
CA SER B 315 0.48 11.05 6.59
C SER B 315 0.92 12.30 5.85
N HIS B 316 -0.03 13.04 5.30
CA HIS B 316 0.25 14.13 4.39
C HIS B 316 -0.75 15.23 4.63
N GLY B 317 -0.30 16.48 4.57
CA GLY B 317 -1.20 17.60 4.63
C GLY B 317 -0.89 18.62 3.56
N LEU B 318 -1.94 19.26 3.06
CA LEU B 318 -1.79 20.36 2.10
C LEU B 318 -2.80 21.44 2.42
N GLY B 319 -2.36 22.70 2.45
CA GLY B 319 -3.32 23.76 2.60
C GLY B 319 -2.73 25.06 3.07
N TYR B 320 -3.34 26.17 2.67
CA TYR B 320 -3.00 27.50 3.19
C TYR B 320 -1.56 27.89 2.85
N GLY B 321 -1.03 27.39 1.74
CA GLY B 321 0.34 27.66 1.35
C GLY B 321 1.35 26.70 1.95
N TYR B 322 0.90 25.73 2.76
CA TYR B 322 1.77 24.79 3.44
C TYR B 322 1.61 23.39 2.88
N GLU B 323 2.63 22.58 3.12
CA GLU B 323 2.60 21.15 2.90
C GLU B 323 3.33 20.47 4.04
N SER B 324 2.83 19.30 4.47
CA SER B 324 3.45 18.57 5.57
C SER B 324 3.48 17.08 5.19
N SER B 325 4.58 16.42 5.55
CA SER B 325 4.78 15.02 5.21
C SER B 325 5.53 14.30 6.33
N ILE B 326 5.03 13.14 6.76
CA ILE B 326 5.79 12.25 7.64
C ILE B 326 5.66 10.83 7.09
N PHE B 327 6.80 10.14 7.08
CA PHE B 327 6.90 8.70 6.87
C PHE B 327 7.62 8.13 8.09
N LEU B 328 7.09 7.08 8.68
CA LEU B 328 7.63 6.57 9.94
C LEU B 328 7.54 5.05 9.97
N SER B 329 8.63 4.41 10.42
CA SER B 329 8.72 2.96 10.49
C SER B 329 7.74 2.41 11.52
N PRO B 330 7.39 1.11 11.41
CA PRO B 330 6.41 0.55 12.34
C PRO B 330 6.76 0.70 13.81
N ASP B 331 8.04 0.67 14.17
CA ASP B 331 8.43 0.82 15.57
C ASP B 331 8.59 2.27 16.00
N GLY B 332 8.39 3.23 15.11
CA GLY B 332 8.49 4.63 15.46
C GLY B 332 9.91 5.15 15.66
N LYS B 333 10.93 4.37 15.32
CA LYS B 333 12.31 4.78 15.58
C LYS B 333 13.02 5.35 14.36
N THR B 334 12.48 5.20 13.15
CA THR B 334 13.15 5.65 11.93
C THR B 334 12.13 6.36 11.06
N GLY B 335 12.44 7.56 10.61
CA GLY B 335 11.49 8.23 9.73
C GLY B 335 11.98 9.57 9.22
N VAL B 336 11.09 10.23 8.51
CA VAL B 336 11.37 11.48 7.82
C VAL B 336 10.19 12.41 8.03
N VAL B 337 10.46 13.65 8.45
CA VAL B 337 9.46 14.70 8.49
C VAL B 337 9.96 15.83 7.62
N LEU B 338 9.16 16.24 6.64
CA LEU B 338 9.37 17.49 5.93
C LEU B 338 8.14 18.39 6.11
N MET B 339 8.36 19.67 6.42
CA MET B 339 7.26 20.63 6.45
C MET B 339 7.70 21.88 5.69
N SER B 340 6.79 22.41 4.87
CA SER B 340 7.07 23.56 4.00
C SER B 340 6.00 24.62 4.12
N ASN B 341 6.45 25.87 4.20
CA ASN B 341 5.58 27.04 4.17
C ASN B 341 5.44 27.60 2.75
N TYR B 342 5.80 26.82 1.72
CA TYR B 342 5.78 27.33 0.33
C TYR B 342 5.43 26.18 -0.61
N TYR B 343 4.18 25.71 -0.49
CA TYR B 343 3.74 24.57 -1.29
C TYR B 343 3.74 24.92 -2.77
N ARG B 344 4.34 24.03 -3.56
CA ARG B 344 4.28 24.12 -5.01
C ARG B 344 3.91 22.75 -5.56
N LYS B 345 2.79 22.67 -6.27
CA LYS B 345 2.40 21.38 -6.86
C LYS B 345 3.50 20.78 -7.73
N ALA B 346 4.26 21.62 -8.42
CA ALA B 346 5.33 21.16 -9.30
C ALA B 346 6.61 20.81 -8.56
N ALA B 347 6.65 21.05 -7.25
CA ALA B 347 7.76 20.65 -6.42
C ALA B 347 7.22 20.12 -5.09
N GLY B 348 6.37 19.09 -5.16
CA GLY B 348 5.76 18.55 -3.95
C GLY B 348 6.77 17.88 -3.04
N ILE B 349 6.59 18.05 -1.74
CA ILE B 349 7.56 17.50 -0.79
C ILE B 349 7.26 16.06 -0.41
N GLN B 350 6.01 15.59 -0.54
CA GLN B 350 5.75 14.20 -0.17
C GLN B 350 6.63 13.24 -0.97
N ALA B 351 6.78 13.49 -2.27
CA ALA B 351 7.57 12.57 -3.08
C ALA B 351 9.02 12.57 -2.63
N THR B 352 9.51 13.74 -2.21
CA THR B 352 10.89 13.83 -1.74
C THR B 352 11.06 13.07 -0.44
N ALA B 353 10.11 13.23 0.48
CA ALA B 353 10.19 12.50 1.74
C ALA B 353 10.12 11.00 1.51
N ASN B 354 9.27 10.57 0.56
CA ASN B 354 9.13 9.16 0.26
C ASN B 354 10.44 8.57 -0.22
N LYS B 355 11.12 9.28 -1.13
CA LYS B 355 12.41 8.83 -1.61
C LYS B 355 13.41 8.72 -0.47
N ILE B 356 13.44 9.73 0.40
CA ILE B 356 14.38 9.68 1.50
C ILE B 356 14.07 8.51 2.42
N PHE B 357 12.79 8.29 2.72
CA PHE B 357 12.41 7.24 3.65
C PHE B 357 12.71 5.86 3.07
N THR B 358 12.43 5.67 1.79
CA THR B 358 12.65 4.37 1.16
C THR B 358 14.12 3.99 1.25
N GLU B 359 15.01 4.96 1.02
CA GLU B 359 16.43 4.68 1.13
C GLU B 359 16.83 4.47 2.59
N LEU B 360 16.27 5.29 3.47
CA LEU B 360 16.61 5.21 4.88
C LEU B 360 16.28 3.85 5.47
N MET B 361 15.17 3.24 5.04
CA MET B 361 14.73 1.96 5.57
C MET B 361 15.57 0.79 5.06
N LYS B 362 16.17 0.92 3.87
CA LYS B 362 17.04 -0.15 3.38
C LYS B 362 18.32 -0.20 4.21
N GLY B 363 19.02 0.92 4.31
CA GLY B 363 20.25 1.00 5.06
C GLY B 363 21.27 1.92 4.42
#